data_9OGF
#
_entry.id   9OGF
#
_cell.length_a   1.00
_cell.length_b   1.00
_cell.length_c   1.00
_cell.angle_alpha   90.00
_cell.angle_beta   90.00
_cell.angle_gamma   90.00
#
_symmetry.space_group_name_H-M   'P 1'
#
loop_
_entity.id
_entity.type
_entity.pdbx_description
1 polymer Exportin-1
2 polymer 'Ankyrin repeat and SOCS box protein 8'
3 polymer Elongin-C
4 polymer Elongin-B
5 non-polymer 'propan-2-yl 3-(3-phenyl-1H-1,2,4-triazol-1-yl)propanoate'
#
loop_
_entity_poly.entity_id
_entity_poly.type
_entity_poly.pdbx_seq_one_letter_code
_entity_poly.pdbx_strand_id
1 'polypeptide(L)'
;GSMPAIMTMLADHAARQLLDFSQKLDINLLDNVVNCLYHGEGAQQRMAQEVLTHLKEHPDAWTRVDTILEFSQNMNTKYY
GLQILENVIKTRWKILPRNQCEGIKKYVVGLIIKTSSDPTCVEKEKVYIGKLNMILVQILKQEWPKHWPTFISDIVGASR
TSESLCQNNMVILKLLSEEVFDFSSGQITQVKSKHLKDSMCNEFSQIFQLCQFVMENSQNAPLVHATLETLLRFLNWIPL
GYIFETKLISTLIYKFLNVPMFRNVSLKCLTEIAGVSVSQYEEQFVTLFTLTMMQLKQMLPLNTNIRLAYSNGKDDEQNF
IQNLSLFLCTFLKEHDQLIEKRLNLRETLMEALHYMLLVSEVEETEIFKICLEYWNHLAAELYRESPFSTSASPLLSGSQ
HFDVPPRRQLYLPMLFKVRLLMVSRMAKPEEVLVVENDQGEVVREFMKDTDSINLYKNMRETLVYLTHLDYVDTERIMTE
KLHNQVNGTEWSWKNLNTLCWAIGSISGAMHEEDEKRFLVTVIKDLLGLCEQKRGKDNKAIIASNIMYIVGQYPRFLRAH
WKFLKTVVNKLFEFMHETHDGVQDMACDTFIKIAQKCRRHFVQVQVGEVMPFIDEILNNINTIICDLQPQQVHTFYEAVG
YMIGAQTDQTVQEHLIEKYMLLPNQVWDSIIQQATKNVDILKDPETVKQLGSILKTNVRACKAVGHPFVIQLGRIYLDML
NVYKCLSENISAAIQANGEMVTKQPLIRSMRTVKRETLKLISGWVSRSNDPQMVAENFVPPLLDAVLIDYQRNVPAAREP
EVLSTMAIIVNKLGGHITAEIPQIFDAVFECTLNMINKDFEEYPEHRTNFFLLLQAVNSHCFPAFLAIPPTQFKLVLDSI
IWAFKHTMRNVADTGLQILFTLLQNVAQEEAAAQSFYQTYFCDILQHIFSVVTDTSHTAGLTMHASILAYMFNLVEEGKI
STSLNPGNPVNNQIFLQEYVANLLKSAFPHLQDAQVKLFVTGLFSLNQDIPAFKEHLRDFLVQIKEFAGEDTSDLFLEER
EIALRQADEEKHKRQMSVPGIFNPHEIPEEMCD
;
A
2 'polypeptide(L)'
;GSSLSERLIRTIAAIRSFPHDNVEDLIRGGADVNCTHGTLKPLHCACMVSDADCVELLLEKGAEVNALDGYNRTALHYAA
EKDEACVEVLLEYGANPNALDGNRDTPLHWAAFKNNAECVRALLESGASVNALDYNNDTPLSWAAMKGNLESVSILLDYG
AEVRVINLIGQTPISRLVALLVRGLGTEKEDSCFELLHRAVGHFELRKNGTMPREVARDPQLCEKLTVLCSAPGTLKTLA
RYAVRRSLGLQYLPDAVKGLPLPASLKEYLLLLE
;
B
3 'polypeptide(L)'
;MMYVKLISSDGHEFIVKREHALTSGTIKAMLSGPGQFAENETNEVNFREIPSHVLSKVCMYFTYKVRYTNSSTEIPEFPI
APEIALELLMAANFLDC
;
E
4 'polypeptide(L)'
;MDVFLMIRRHKTTIFTDAKESSTVFELKRIVEGILKRPPDEQRLYKDDQLLDDGKTLGECGFTSQTARPQAPATVGLAFR
ADDTFEALCIEPFSSPPELPDVMKPQDSGSSANEQAVQ
;
F
#
loop_
_chem_comp.id
_chem_comp.type
_chem_comp.name
_chem_comp.formula
A1CBB non-polymer 'propan-2-yl 3-(3-phenyl-1H-1,2,4-triazol-1-yl)propanoate' 'C14 H17 N3 O2'
#
# COMPACT_ATOMS: atom_id res chain seq x y z
N VAL A 265 40.31 7.46 35.65
CA VAL A 265 41.47 6.83 35.03
C VAL A 265 41.68 5.44 35.63
N SER A 266 41.38 5.30 36.92
CA SER A 266 41.54 4.01 37.57
C SER A 266 40.71 2.95 36.85
N LEU A 267 39.49 3.31 36.44
CA LEU A 267 38.64 2.36 35.71
C LEU A 267 39.26 2.01 34.37
N LYS A 268 39.82 3.01 33.66
CA LYS A 268 40.36 2.75 32.34
C LYS A 268 41.53 1.76 32.40
N CYS A 269 42.41 1.93 33.39
CA CYS A 269 43.50 0.97 33.55
C CYS A 269 42.95 -0.43 33.78
N LEU A 270 41.92 -0.55 34.62
CA LEU A 270 41.27 -1.84 34.81
C LEU A 270 40.65 -2.33 33.51
N THR A 271 40.05 -1.41 32.74
CA THR A 271 39.46 -1.80 31.46
C THR A 271 40.51 -2.38 30.53
N GLU A 272 41.69 -1.78 30.48
CA GLU A 272 42.76 -2.33 29.65
C GLU A 272 43.15 -3.72 30.11
N ILE A 273 43.24 -3.92 31.43
CA ILE A 273 43.52 -5.25 31.96
C ILE A 273 42.47 -6.23 31.49
N ALA A 274 41.20 -5.83 31.54
CA ALA A 274 40.13 -6.67 31.04
C ALA A 274 40.12 -6.77 29.52
N GLY A 275 40.71 -5.79 28.83
CA GLY A 275 40.78 -5.88 27.38
C GLY A 275 41.59 -7.06 26.92
N VAL A 276 42.73 -7.31 27.55
CA VAL A 276 43.59 -8.43 27.21
C VAL A 276 42.98 -9.72 27.76
N VAL A 278 43.75 -13.75 27.96
CA VAL A 278 44.34 -15.08 28.04
C VAL A 278 43.66 -15.88 29.14
N SER A 279 42.78 -16.80 28.73
CA SER A 279 41.92 -17.50 29.68
C SER A 279 42.69 -18.28 30.73
N GLN A 280 44.00 -18.50 30.55
CA GLN A 280 44.78 -19.19 31.57
C GLN A 280 44.84 -18.40 32.86
N TYR A 281 44.50 -17.11 32.83
CA TYR A 281 44.36 -16.27 34.02
C TYR A 281 42.90 -16.08 34.42
N GLU A 282 42.04 -17.07 34.12
CA GLU A 282 40.60 -16.89 34.28
C GLU A 282 40.24 -16.50 35.71
N GLU A 283 40.86 -17.15 36.70
CA GLU A 283 40.58 -16.80 38.08
C GLU A 283 40.75 -15.30 38.28
N GLN A 284 41.90 -14.76 37.86
CA GLN A 284 42.10 -13.32 37.92
C GLN A 284 40.94 -12.60 37.22
N PHE A 285 40.70 -12.98 35.96
CA PHE A 285 39.64 -12.34 35.19
C PHE A 285 38.30 -12.45 35.91
N VAL A 286 38.10 -13.54 36.65
CA VAL A 286 36.88 -13.64 37.46
C VAL A 286 36.99 -12.71 38.66
N THR A 287 38.04 -12.86 39.45
CA THR A 287 38.15 -12.10 40.69
C THR A 287 38.07 -10.61 40.40
N LEU A 288 38.87 -10.13 39.45
CA LEU A 288 38.74 -8.76 38.99
C LEU A 288 37.27 -8.40 38.79
N PHE A 289 36.61 -9.12 37.89
CA PHE A 289 35.20 -8.85 37.62
C PHE A 289 34.38 -8.85 38.89
N THR A 290 34.63 -9.79 39.79
CA THR A 290 33.91 -9.79 41.05
C THR A 290 34.20 -8.51 41.83
N LEU A 291 35.48 -8.20 42.03
CA LEU A 291 35.82 -7.08 42.90
C LEU A 291 35.29 -5.76 42.33
N THR A 292 35.51 -5.52 41.05
CA THR A 292 34.92 -4.33 40.44
C THR A 292 33.41 -4.36 40.58
N MET A 293 32.79 -5.52 40.35
CA MET A 293 31.35 -5.63 40.58
C MET A 293 31.02 -5.34 42.03
N MET A 294 31.86 -5.82 42.96
CA MET A 294 31.67 -5.48 44.36
C MET A 294 31.79 -3.97 44.57
N GLN A 295 32.71 -3.33 43.85
CA GLN A 295 32.95 -1.91 44.04
C GLN A 295 32.12 -1.07 43.07
N LYS A 297 29.21 -1.91 42.58
CA LYS A 297 27.92 -1.98 43.28
C LYS A 297 27.97 -1.17 44.56
N GLN A 298 29.05 -1.34 45.33
CA GLN A 298 29.20 -0.58 46.56
C GLN A 298 29.11 0.92 46.30
N MET A 299 29.52 1.37 45.11
CA MET A 299 29.32 2.75 44.72
C MET A 299 27.90 2.98 44.20
N LEU A 300 27.48 2.16 43.22
CA LEU A 300 26.16 2.30 42.63
C LEU A 300 25.28 1.10 43.00
N THR A 304 19.63 2.27 40.96
CA THR A 304 19.89 3.67 40.68
C THR A 304 19.61 3.99 39.21
N ASN A 305 19.05 5.17 38.96
CA ASN A 305 18.77 5.63 37.60
C ASN A 305 20.07 6.16 37.00
N ILE A 306 20.80 5.27 36.33
CA ILE A 306 22.09 5.66 35.76
C ILE A 306 21.90 6.70 34.67
N ARG A 307 20.82 6.60 33.88
CA ARG A 307 20.56 7.62 32.88
C ARG A 307 20.35 8.98 33.53
N LEU A 308 19.58 9.02 34.61
CA LEU A 308 19.37 10.28 35.32
C LEU A 308 20.68 10.81 35.89
N ALA A 309 21.43 9.95 36.58
CA ALA A 309 22.69 10.38 37.17
C ALA A 309 23.62 10.94 36.10
N TYR A 310 23.64 10.31 34.93
CA TYR A 310 24.47 10.81 33.83
C TYR A 310 23.97 12.16 33.33
N SER A 311 22.65 12.28 33.12
CA SER A 311 22.11 13.50 32.53
C SER A 311 22.34 14.71 33.44
N ASN A 312 22.10 14.54 34.73
CA ASN A 312 22.24 15.64 35.68
C ASN A 312 23.67 15.72 36.22
N ASP A 316 32.29 14.40 35.18
CA ASP A 316 32.97 13.33 35.89
C ASP A 316 32.06 12.12 36.04
N GLN A 318 29.54 11.36 34.49
CA GLN A 318 29.25 10.95 33.12
C GLN A 318 30.39 10.12 32.55
N ASN A 319 31.60 10.70 32.55
CA ASN A 319 32.76 9.98 32.04
C ASN A 319 32.95 8.67 32.79
N PHE A 320 32.77 8.70 34.12
CA PHE A 320 32.85 7.48 34.90
C PHE A 320 31.84 6.45 34.39
N ILE A 321 30.61 6.89 34.11
CA ILE A 321 29.62 5.97 33.56
C ILE A 321 30.08 5.43 32.21
N GLN A 322 30.55 6.31 31.33
CA GLN A 322 30.99 5.87 30.02
C GLN A 322 32.17 4.91 30.14
N ASN A 323 33.14 5.23 31.00
CA ASN A 323 34.25 4.31 31.22
C ASN A 323 33.74 3.01 31.84
N LEU A 324 32.79 3.10 32.77
CA LEU A 324 32.17 1.89 33.30
C LEU A 324 31.57 1.06 32.18
N SER A 325 30.98 1.72 31.18
CA SER A 325 30.44 1.00 30.03
C SER A 325 31.51 0.21 29.29
N LEU A 326 32.66 0.85 29.02
CA LEU A 326 33.72 0.25 28.21
C LEU A 326 33.93 -1.25 28.43
N LEU A 328 34.88 -3.27 30.65
CA LEU A 328 33.59 -3.72 31.24
C LEU A 328 32.71 -4.27 30.11
N CYS A 329 32.18 -3.46 29.21
CA CYS A 329 31.49 -4.00 28.03
C CYS A 329 32.43 -4.95 27.29
N THR A 330 33.62 -4.46 26.98
CA THR A 330 34.59 -5.28 26.29
C THR A 330 35.19 -6.35 27.19
N PHE A 331 35.16 -6.15 28.52
CA PHE A 331 35.54 -7.23 29.42
C PHE A 331 34.70 -8.48 29.14
N LEU A 332 33.39 -8.31 29.06
CA LEU A 332 32.50 -9.43 28.81
C LEU A 332 32.44 -9.81 27.34
N LYS A 333 32.70 -8.88 26.44
CA LYS A 333 32.94 -9.29 25.07
C LYS A 333 34.00 -10.39 25.05
N GLU A 334 35.03 -10.26 25.89
CA GLU A 334 36.05 -11.30 26.02
C GLU A 334 35.70 -12.30 27.10
N HIS A 335 35.43 -11.82 28.31
CA HIS A 335 35.41 -12.66 29.50
C HIS A 335 34.02 -12.98 29.98
N ASP A 336 33.00 -12.73 29.16
CA ASP A 336 31.72 -13.37 29.42
C ASP A 336 31.91 -14.88 29.40
N GLN A 337 32.81 -15.36 28.54
CA GLN A 337 33.19 -16.77 28.57
C GLN A 337 33.85 -17.14 29.89
N LEU A 338 34.77 -16.28 30.37
CA LEU A 338 35.46 -16.55 31.62
C LEU A 338 34.58 -16.32 32.84
N ILE A 339 33.48 -15.60 32.70
CA ILE A 339 32.51 -15.45 33.80
C ILE A 339 31.50 -16.57 33.79
N GLU A 340 31.07 -17.02 32.61
CA GLU A 340 30.24 -18.20 32.52
C GLU A 340 30.93 -19.32 33.28
N LYS A 341 32.26 -19.31 33.25
CA LYS A 341 33.07 -20.30 33.95
C LYS A 341 33.10 -20.02 35.45
N LEU A 345 28.98 -16.99 40.75
CA LEU A 345 28.90 -15.55 40.49
C LEU A 345 27.88 -15.24 39.41
N ARG A 346 26.98 -16.19 39.13
CA ARG A 346 26.01 -15.99 38.07
C ARG A 346 25.09 -14.81 38.38
N GLU A 347 24.68 -14.67 39.64
CA GLU A 347 23.83 -13.55 40.02
C GLU A 347 24.53 -12.22 39.74
N THR A 348 25.82 -12.14 40.04
CA THR A 348 26.57 -10.93 39.71
C THR A 348 26.58 -10.70 38.21
N LEU A 349 26.73 -11.77 37.43
CA LEU A 349 26.63 -11.66 35.98
C LEU A 349 25.29 -11.05 35.59
N MET A 350 24.22 -11.48 36.23
CA MET A 350 22.90 -10.90 36.00
C MET A 350 22.85 -9.48 36.53
N ALA A 352 25.23 -7.31 36.58
CA ALA A 352 26.12 -6.79 35.55
C ALA A 352 25.36 -6.55 34.25
N LEU A 353 24.76 -7.62 33.73
CA LEU A 353 23.94 -7.48 32.53
C LEU A 353 22.83 -6.47 32.76
N HIS A 354 22.18 -6.53 33.92
CA HIS A 354 21.21 -5.50 34.27
C HIS A 354 21.88 -4.13 34.29
N TYR A 355 23.07 -4.04 34.90
CA TYR A 355 23.82 -2.79 34.82
C TYR A 355 24.08 -2.42 33.37
N MET A 356 24.41 -3.40 32.54
CA MET A 356 24.58 -3.13 31.11
C MET A 356 23.32 -2.48 30.54
N LEU A 357 22.15 -2.97 30.95
CA LEU A 357 20.91 -2.32 30.55
C LEU A 357 20.84 -0.91 31.12
N LEU A 358 21.21 -0.73 32.38
CA LEU A 358 21.13 0.58 33.01
C LEU A 358 21.92 1.61 32.20
N VAL A 359 23.17 1.27 31.85
CA VAL A 359 23.95 2.17 31.02
C VAL A 359 23.33 2.31 29.64
N SER A 360 22.75 1.22 29.12
CA SER A 360 22.07 1.30 27.84
C SER A 360 21.00 2.38 27.85
N GLU A 361 20.41 2.64 29.02
CA GLU A 361 19.43 3.70 29.13
C GLU A 361 20.04 5.07 28.89
N VAL A 362 21.37 5.19 29.05
CA VAL A 362 22.03 6.47 28.77
C VAL A 362 21.76 6.85 27.33
N THR A 365 25.06 9.04 22.50
CA THR A 365 25.23 8.08 21.42
C THR A 365 26.49 7.24 21.60
N GLU A 366 27.53 7.78 22.23
CA GLU A 366 28.77 7.03 22.38
C GLU A 366 28.59 5.84 23.31
N ILE A 367 28.00 6.06 24.48
CA ILE A 367 27.78 4.97 25.42
C ILE A 367 26.78 3.97 24.85
N PHE A 368 25.74 4.48 24.20
CA PHE A 368 24.76 3.59 23.58
C PHE A 368 25.41 2.73 22.52
N LYS A 369 26.30 3.31 21.72
CA LYS A 369 27.02 2.54 20.70
C LYS A 369 27.91 1.50 21.34
N ILE A 370 28.60 1.86 22.43
CA ILE A 370 29.42 0.88 23.14
C ILE A 370 28.57 -0.30 23.56
N CYS A 371 27.41 -0.03 24.16
CA CYS A 371 26.51 -1.11 24.55
C CYS A 371 26.05 -1.91 23.33
N LEU A 372 25.69 -1.21 22.26
CA LEU A 372 25.16 -1.87 21.07
C LEU A 372 26.19 -2.80 20.44
N GLU A 373 27.48 -2.47 20.57
CA GLU A 373 28.51 -3.35 20.04
C GLU A 373 28.43 -4.73 20.69
N TYR A 374 28.43 -4.76 22.03
CA TYR A 374 28.30 -6.03 22.72
C TYR A 374 26.95 -6.66 22.47
N TRP A 375 25.89 -5.86 22.34
CA TRP A 375 24.58 -6.43 22.08
C TRP A 375 24.57 -7.18 20.75
N ASN A 376 25.14 -6.57 19.71
CA ASN A 376 25.23 -7.23 18.42
C ASN A 376 26.11 -8.46 18.50
N HIS A 377 27.23 -8.37 19.20
CA HIS A 377 28.10 -9.53 19.37
C HIS A 377 27.34 -10.70 19.99
N LEU A 378 26.69 -10.44 21.12
CA LEU A 378 25.97 -11.50 21.82
C LEU A 378 24.81 -12.03 20.99
N ALA A 379 24.08 -11.14 20.31
CA ALA A 379 22.96 -11.58 19.49
C ALA A 379 23.43 -12.52 18.38
N ALA A 380 24.48 -12.11 17.66
CA ALA A 380 25.01 -12.96 16.60
C ALA A 380 25.49 -14.29 17.17
N GLU A 381 26.20 -14.25 18.30
CA GLU A 381 26.72 -15.48 18.88
C GLU A 381 25.60 -16.44 19.24
N LEU A 382 24.61 -15.96 20.00
CA LEU A 382 23.53 -16.83 20.42
C LEU A 382 22.72 -17.32 19.22
N TYR A 383 22.49 -16.46 18.22
CA TYR A 383 21.74 -16.87 17.04
C TYR A 383 22.46 -17.99 16.32
N ARG A 384 23.73 -17.78 15.97
CA ARG A 384 24.48 -18.82 15.28
C ARG A 384 24.73 -20.04 16.16
N GLU A 385 24.54 -19.90 17.48
CA GLU A 385 24.65 -21.05 18.36
C GLU A 385 23.78 -22.20 17.89
N SER A 386 22.58 -21.88 17.40
CA SER A 386 21.68 -22.89 16.85
C SER A 386 20.53 -22.22 16.12
N GLN A 409 20.39 -20.28 26.33
CA GLN A 409 19.38 -20.58 27.34
C GLN A 409 19.58 -19.70 28.57
N LEU A 410 20.83 -19.36 28.86
CA LEU A 410 21.12 -18.51 30.01
C LEU A 410 20.66 -17.07 29.76
N TYR A 411 20.84 -16.58 28.54
CA TYR A 411 20.55 -15.18 28.24
C TYR A 411 19.13 -14.95 27.76
N LEU A 412 18.52 -15.94 27.10
CA LEU A 412 17.15 -15.78 26.61
C LEU A 412 16.18 -15.31 27.68
N PRO A 413 16.25 -15.78 28.93
CA PRO A 413 15.27 -15.35 29.94
C PRO A 413 15.14 -13.83 30.11
N MET A 414 16.04 -13.05 29.49
CA MET A 414 15.93 -11.60 29.56
C MET A 414 16.24 -10.89 28.25
N LEU A 415 16.44 -11.62 27.14
CA LEU A 415 16.75 -10.97 25.89
C LEU A 415 15.64 -10.02 25.45
N PHE A 416 14.40 -10.32 25.81
CA PHE A 416 13.30 -9.43 25.44
C PHE A 416 13.56 -8.01 25.91
N LYS A 417 14.22 -7.84 27.07
CA LYS A 417 14.56 -6.51 27.52
C LYS A 417 15.38 -5.77 26.48
N VAL A 418 16.37 -6.45 25.91
CA VAL A 418 17.15 -5.86 24.82
C VAL A 418 16.26 -5.63 23.61
N ARG A 419 15.41 -6.60 23.29
CA ARG A 419 14.53 -6.46 22.14
C ARG A 419 13.68 -5.20 22.27
N LEU A 420 13.13 -4.96 23.45
CA LEU A 420 12.40 -3.73 23.71
C LEU A 420 13.33 -2.52 23.53
N LEU A 421 14.54 -2.61 24.06
CA LEU A 421 15.48 -1.49 23.96
C LEU A 421 15.78 -1.15 22.51
N MET A 422 16.04 -2.18 21.69
CA MET A 422 16.40 -1.93 20.29
C MET A 422 15.30 -1.18 19.57
N VAL A 423 14.07 -1.65 19.66
CA VAL A 423 12.97 -1.00 18.96
C VAL A 423 12.81 0.43 19.44
N SER A 424 12.91 0.64 20.76
CA SER A 424 12.75 1.98 21.31
C SER A 424 13.81 2.92 20.75
N ARG A 425 15.06 2.48 20.72
CA ARG A 425 16.18 3.32 20.33
C ARG A 425 16.51 3.23 18.84
N MET A 426 15.69 2.54 18.05
CA MET A 426 16.01 2.35 16.64
C MET A 426 16.25 3.69 15.96
N ALA A 427 17.39 3.79 15.27
CA ALA A 427 17.78 5.02 14.60
C ALA A 427 17.25 5.04 13.17
N LYS A 428 17.48 6.17 12.49
CA LYS A 428 17.03 6.29 11.11
C LYS A 428 17.94 5.49 10.19
N PRO A 429 17.40 4.85 9.14
CA PRO A 429 18.27 4.21 8.15
C PRO A 429 19.22 5.21 7.49
N ASN A 454 25.95 3.56 10.39
CA ASN A 454 26.60 2.40 10.98
C ASN A 454 25.86 1.95 12.22
N LEU A 455 25.60 2.91 13.12
CA LEU A 455 24.85 2.59 14.33
C LEU A 455 23.52 1.92 13.99
N TYR A 456 22.81 2.46 13.00
CA TYR A 456 21.56 1.85 12.57
C TYR A 456 21.77 0.43 12.08
N LYS A 457 22.82 0.21 11.29
CA LYS A 457 23.09 -1.13 10.78
C LYS A 457 23.34 -2.10 11.91
N ASN A 458 24.14 -1.68 12.90
CA ASN A 458 24.39 -2.54 14.06
C ASN A 458 23.10 -2.84 14.80
N MET A 459 22.27 -1.81 15.01
CA MET A 459 20.96 -2.05 15.63
C MET A 459 20.14 -3.01 14.80
N ARG A 460 20.09 -2.78 13.48
CA ARG A 460 19.34 -3.66 12.60
C ARG A 460 19.88 -5.08 12.68
N GLU A 461 21.20 -5.23 12.59
CA GLU A 461 21.79 -6.57 12.64
C GLU A 461 21.50 -7.24 13.97
N THR A 462 21.64 -6.51 15.07
CA THR A 462 21.34 -7.07 16.38
C THR A 462 19.87 -7.48 16.47
N LEU A 463 18.98 -6.61 16.00
CA LEU A 463 17.56 -6.88 16.11
C LEU A 463 17.16 -8.10 15.29
N VAL A 464 17.67 -8.22 14.06
CA VAL A 464 17.30 -9.35 13.22
C VAL A 464 17.83 -10.65 13.84
N TYR A 465 18.98 -10.59 14.51
CA TYR A 465 19.40 -11.76 15.28
C TYR A 465 18.40 -12.10 16.37
N LEU A 466 17.91 -11.07 17.08
CA LEU A 466 16.94 -11.32 18.14
C LEU A 466 15.64 -11.87 17.59
N THR A 467 15.15 -11.34 16.47
CA THR A 467 13.91 -11.86 15.91
C THR A 467 14.10 -13.28 15.37
N HIS A 468 15.30 -13.57 14.86
CA HIS A 468 15.62 -14.95 14.52
C HIS A 468 15.65 -15.84 15.74
N LEU A 469 15.78 -15.26 16.93
CA LEU A 469 15.62 -16.00 18.17
C LEU A 469 14.16 -16.07 18.61
N ASP A 470 13.37 -15.04 18.29
CA ASP A 470 11.92 -15.10 18.48
C ASP A 470 11.29 -14.03 17.62
N TYR A 471 10.59 -14.44 16.55
CA TYR A 471 9.83 -13.48 15.76
C TYR A 471 8.58 -13.04 16.50
N VAL A 472 7.97 -13.95 17.25
CA VAL A 472 6.67 -13.69 17.84
C VAL A 472 6.72 -12.49 18.79
N ASP A 473 7.72 -12.48 19.69
CA ASP A 473 7.80 -11.39 20.65
C ASP A 473 8.08 -10.07 19.96
N THR A 474 8.91 -10.08 18.92
CA THR A 474 9.16 -8.85 18.17
C THR A 474 7.86 -8.31 17.58
N GLU A 475 7.08 -9.18 16.94
CA GLU A 475 5.80 -8.74 16.38
C GLU A 475 4.88 -8.22 17.47
N ARG A 476 4.84 -8.91 18.61
CA ARG A 476 3.98 -8.48 19.71
C ARG A 476 4.36 -7.08 20.17
N ILE A 477 5.64 -6.84 20.40
CA ILE A 477 6.09 -5.55 20.89
C ILE A 477 5.76 -4.45 19.87
N MET A 478 6.03 -4.73 18.59
CA MET A 478 5.75 -3.73 17.57
C MET A 478 4.26 -3.41 17.51
N THR A 479 3.42 -4.44 17.60
CA THR A 479 1.98 -4.22 17.60
C THR A 479 1.55 -3.41 18.82
N GLU A 480 2.13 -3.71 19.98
CA GLU A 480 1.78 -2.97 21.19
C GLU A 480 2.06 -1.49 21.03
N LYS A 481 3.27 -1.16 20.58
CA LYS A 481 3.62 0.26 20.46
C LYS A 481 2.82 0.92 19.34
N LEU A 482 2.58 0.19 18.24
CA LEU A 482 1.76 0.74 17.18
C LEU A 482 0.36 1.07 17.67
N HIS A 483 -0.21 0.19 18.51
CA HIS A 483 -1.53 0.46 19.06
C HIS A 483 -1.48 1.67 19.99
N ASN A 484 -0.48 1.73 20.87
CA ASN A 484 -0.37 2.89 21.74
C ASN A 484 -0.31 4.18 20.94
N GLN A 485 0.33 4.15 19.77
CA GLN A 485 0.27 5.30 18.88
C GLN A 485 -1.13 5.51 18.33
N VAL A 486 -1.76 4.44 17.84
CA VAL A 486 -3.10 4.55 17.29
C VAL A 486 -4.06 5.03 18.37
N ASN A 487 -3.91 4.53 19.59
CA ASN A 487 -4.81 4.88 20.68
C ASN A 487 -4.75 6.36 21.04
N GLY A 488 -3.73 7.09 20.58
CA GLY A 488 -3.51 8.43 21.04
C GLY A 488 -2.80 8.52 22.37
N THR A 489 -2.49 7.38 22.99
CA THR A 489 -1.73 7.39 24.24
C THR A 489 -0.35 7.97 24.03
N GLU A 490 0.23 7.79 22.84
CA GLU A 490 1.59 8.24 22.57
C GLU A 490 1.74 8.89 21.21
N TRP A 491 0.66 9.44 20.65
CA TRP A 491 0.73 10.06 19.34
C TRP A 491 1.91 11.03 19.27
N SER A 492 2.86 10.73 18.39
CA SER A 492 4.07 11.54 18.27
C SER A 492 4.75 11.18 16.96
N TRP A 493 5.09 12.21 16.17
CA TRP A 493 5.77 11.98 14.91
C TRP A 493 7.05 11.19 15.11
N LYS A 494 7.83 11.55 16.14
CA LYS A 494 9.09 10.88 16.41
C LYS A 494 8.88 9.39 16.66
N ASN A 495 7.95 9.06 17.57
CA ASN A 495 7.72 7.66 17.92
C ASN A 495 7.22 6.87 16.72
N LEU A 496 6.30 7.46 15.97
CA LEU A 496 5.81 6.80 14.75
C LEU A 496 6.97 6.49 13.81
N ASN A 497 7.82 7.49 13.57
CA ASN A 497 8.92 7.30 12.63
C ASN A 497 9.87 6.22 13.09
N THR A 498 10.25 6.24 14.37
CA THR A 498 11.21 5.25 14.85
C THR A 498 10.61 3.84 14.83
N LEU A 499 9.35 3.70 15.22
CA LEU A 499 8.72 2.39 15.19
C LEU A 499 8.64 1.86 13.77
N CYS A 500 8.29 2.73 12.81
CA CYS A 500 8.25 2.30 11.42
C CYS A 500 9.63 1.93 10.91
N TRP A 501 10.66 2.66 11.37
CA TRP A 501 12.03 2.31 10.99
C TRP A 501 12.37 0.91 11.46
N ALA A 502 12.06 0.59 12.72
CA ALA A 502 12.32 -0.75 13.22
C ALA A 502 11.54 -1.79 12.43
N ILE A 503 10.27 -1.51 12.14
CA ILE A 503 9.46 -2.43 11.36
C ILE A 503 10.12 -2.72 10.02
N GLY A 504 10.54 -1.67 9.32
CA GLY A 504 11.23 -1.87 8.06
C GLY A 504 12.53 -2.65 8.23
N SER A 505 13.23 -2.41 9.33
CA SER A 505 14.48 -3.12 9.57
C SER A 505 14.25 -4.62 9.70
N ILE A 506 13.13 -5.02 10.30
CA ILE A 506 12.85 -6.44 10.48
C ILE A 506 12.71 -7.19 9.16
N SER A 507 12.55 -6.47 8.05
CA SER A 507 12.23 -7.13 6.78
C SER A 507 13.27 -8.18 6.43
N GLY A 508 12.80 -9.27 5.82
CA GLY A 508 13.67 -10.36 5.44
C GLY A 508 13.86 -11.37 6.54
N ALA A 509 13.99 -10.89 7.78
CA ALA A 509 14.17 -11.81 8.90
C ALA A 509 12.91 -12.63 9.15
N MET A 510 11.74 -12.03 8.94
CA MET A 510 10.48 -12.73 9.18
C MET A 510 10.26 -13.81 8.12
N HIS A 511 9.62 -14.89 8.55
CA HIS A 511 9.13 -15.89 7.60
C HIS A 511 7.96 -15.32 6.81
N GLU A 512 7.75 -15.86 5.62
CA GLU A 512 6.82 -15.23 4.68
C GLU A 512 5.40 -15.20 5.22
N GLU A 513 4.96 -16.27 5.89
CA GLU A 513 3.60 -16.30 6.42
C GLU A 513 3.46 -15.38 7.63
N ASP A 514 4.43 -15.42 8.55
CA ASP A 514 4.44 -14.47 9.65
C ASP A 514 4.60 -13.05 9.13
N GLU A 515 5.44 -12.87 8.12
CA GLU A 515 5.53 -11.58 7.45
C GLU A 515 4.16 -11.10 7.00
N LYS A 516 3.40 -11.99 6.34
CA LYS A 516 2.08 -11.62 5.84
C LYS A 516 1.17 -11.21 6.98
N ARG A 517 1.10 -12.02 8.03
CA ARG A 517 0.21 -11.70 9.15
C ARG A 517 0.59 -10.35 9.76
N PHE A 518 1.87 -10.19 10.11
CA PHE A 518 2.30 -8.97 10.79
C PHE A 518 2.08 -7.75 9.91
N LEU A 519 2.38 -7.86 8.62
CA LEU A 519 2.17 -6.74 7.71
C LEU A 519 0.70 -6.39 7.61
N VAL A 520 -0.18 -7.39 7.55
CA VAL A 520 -1.61 -7.09 7.49
C VAL A 520 -2.03 -6.34 8.74
N THR A 521 -1.60 -6.81 9.91
CA THR A 521 -1.95 -6.14 11.15
C THR A 521 -1.49 -4.69 11.14
N VAL A 522 -0.21 -4.48 10.80
CA VAL A 522 0.35 -3.13 10.85
C VAL A 522 -0.31 -2.23 9.81
N ILE A 523 -0.60 -2.77 8.63
CA ILE A 523 -1.24 -1.99 7.58
C ILE A 523 -2.61 -1.52 8.05
N LYS A 524 -3.39 -2.43 8.64
CA LYS A 524 -4.71 -2.04 9.12
C LYS A 524 -4.58 -0.97 10.21
N ASP A 525 -3.64 -1.16 11.14
CA ASP A 525 -3.48 -0.19 12.23
C ASP A 525 -3.07 1.18 11.69
N LEU A 526 -2.14 1.20 10.73
CA LEU A 526 -1.70 2.47 10.17
C LEU A 526 -2.83 3.15 9.38
N LEU A 527 -3.57 2.39 8.59
CA LEU A 527 -4.72 2.98 7.91
C LEU A 527 -5.69 3.56 8.93
N GLY A 528 -5.86 2.87 10.06
CA GLY A 528 -6.74 3.35 11.10
C GLY A 528 -6.28 4.67 11.67
N LEU A 529 -5.01 4.75 12.07
CA LEU A 529 -4.54 6.01 12.62
C LEU A 529 -4.45 7.11 11.56
N CYS A 530 -4.43 6.74 10.28
CA CYS A 530 -4.48 7.73 9.21
C CYS A 530 -5.87 8.32 9.09
N GLU A 531 -6.88 7.45 9.04
CA GLU A 531 -8.25 7.93 8.98
C GLU A 531 -8.60 8.75 10.22
N GLN A 532 -8.20 8.27 11.40
CA GLN A 532 -8.56 8.92 12.65
C GLN A 532 -7.99 10.32 12.73
N LYS A 533 -6.70 10.47 12.42
CA LYS A 533 -6.01 11.72 12.66
C LYS A 533 -6.43 12.78 11.66
N ARG A 534 -6.68 13.99 12.15
CA ARG A 534 -6.89 15.15 11.30
C ARG A 534 -5.56 15.84 11.02
N GLY A 535 -5.60 16.79 10.08
CA GLY A 535 -4.42 17.55 9.75
C GLY A 535 -3.62 16.90 8.64
N LYS A 536 -3.50 17.58 7.50
CA LYS A 536 -2.78 16.99 6.37
C LYS A 536 -1.33 16.70 6.70
N ASP A 537 -0.76 17.39 7.70
CA ASP A 537 0.60 17.10 8.10
C ASP A 537 0.70 15.73 8.76
N ASN A 538 -0.21 15.45 9.71
CA ASN A 538 -0.21 14.15 10.38
C ASN A 538 -0.49 13.03 9.37
N LYS A 539 -1.48 13.24 8.51
CA LYS A 539 -1.77 12.25 7.48
C LYS A 539 -0.58 12.06 6.57
N ALA A 540 0.15 13.13 6.26
CA ALA A 540 1.32 13.03 5.40
C ALA A 540 2.42 12.20 6.03
N ILE A 541 2.71 12.44 7.31
CA ILE A 541 3.74 11.64 7.97
C ILE A 541 3.31 10.18 8.02
N ILE A 542 2.03 9.93 8.34
CA ILE A 542 1.56 8.55 8.41
C ILE A 542 1.70 7.88 7.04
N ALA A 543 1.32 8.58 5.98
CA ALA A 543 1.42 8.02 4.64
C ALA A 543 2.87 7.75 4.27
N SER A 544 3.77 8.67 4.64
CA SER A 544 5.19 8.45 4.33
C SER A 544 5.70 7.22 5.05
N ASN A 545 5.33 7.04 6.32
CA ASN A 545 5.74 5.84 7.04
C ASN A 545 5.20 4.59 6.37
N ILE A 546 3.94 4.62 5.97
CA ILE A 546 3.35 3.46 5.30
C ILE A 546 4.10 3.15 4.02
N MET A 547 4.39 4.18 3.23
CA MET A 547 5.08 3.98 1.96
C MET A 547 6.47 3.41 2.20
N TYR A 548 7.18 3.91 3.20
CA TYR A 548 8.49 3.33 3.54
C TYR A 548 8.36 1.86 3.87
N ILE A 549 7.44 1.52 4.78
CA ILE A 549 7.34 0.13 5.23
C ILE A 549 6.99 -0.79 4.06
N VAL A 550 6.05 -0.38 3.21
CA VAL A 550 5.71 -1.21 2.06
C VAL A 550 6.91 -1.32 1.13
N GLY A 551 7.67 -0.23 0.96
CA GLY A 551 8.88 -0.30 0.17
C GLY A 551 9.90 -1.26 0.74
N GLN A 552 9.81 -1.57 2.04
CA GLN A 552 10.74 -2.51 2.65
C GLN A 552 10.31 -3.97 2.52
N TYR A 553 9.15 -4.25 1.94
CA TYR A 553 8.61 -5.62 1.88
C TYR A 553 8.09 -5.94 0.48
N PRO A 554 8.99 -6.08 -0.49
CA PRO A 554 8.53 -6.55 -1.82
C PRO A 554 7.94 -7.95 -1.79
N ARG A 555 8.47 -8.83 -0.94
CA ARG A 555 7.99 -10.22 -0.93
C ARG A 555 6.51 -10.28 -0.60
N PHE A 556 6.09 -9.53 0.43
CA PHE A 556 4.67 -9.47 0.77
C PHE A 556 3.86 -8.90 -0.38
N LEU A 557 4.36 -7.84 -1.02
CA LEU A 557 3.63 -7.23 -2.11
C LEU A 557 3.38 -8.23 -3.24
N ARG A 558 4.37 -9.07 -3.55
CA ARG A 558 4.19 -10.04 -4.61
C ARG A 558 3.04 -10.99 -4.29
N ALA A 559 2.98 -11.48 -3.06
CA ALA A 559 1.92 -12.40 -2.67
C ALA A 559 0.56 -11.72 -2.60
N HIS A 560 0.52 -10.40 -2.56
CA HIS A 560 -0.71 -9.64 -2.36
C HIS A 560 -0.83 -8.61 -3.47
N TRP A 561 -0.70 -9.06 -4.73
CA TRP A 561 -0.80 -8.16 -5.87
C TRP A 561 -2.02 -7.25 -5.79
N LYS A 562 -3.05 -7.61 -5.02
CA LYS A 562 -4.17 -6.70 -4.80
C LYS A 562 -3.69 -5.47 -4.04
N PHE A 563 -3.07 -5.66 -2.88
CA PHE A 563 -2.54 -4.52 -2.14
C PHE A 563 -1.48 -3.79 -2.94
N LEU A 564 -0.79 -4.52 -3.83
CA LEU A 564 0.22 -3.89 -4.70
C LEU A 564 -0.44 -2.88 -5.63
N LYS A 565 -1.50 -3.29 -6.32
CA LYS A 565 -2.26 -2.37 -7.15
C LYS A 565 -2.84 -1.23 -6.30
N THR A 566 -3.31 -1.56 -5.10
CA THR A 566 -3.87 -0.56 -4.21
C THR A 566 -2.86 0.54 -3.93
N VAL A 567 -1.68 0.17 -3.45
CA VAL A 567 -0.65 1.14 -3.11
C VAL A 567 -0.16 1.87 -4.35
N VAL A 568 -0.18 1.21 -5.51
CA VAL A 568 0.17 1.89 -6.75
C VAL A 568 -0.77 3.05 -7.00
N ASN A 569 -2.08 2.79 -6.92
CA ASN A 569 -3.05 3.86 -7.12
C ASN A 569 -2.92 4.93 -6.03
N LYS A 570 -2.63 4.52 -4.80
CA LYS A 570 -2.45 5.50 -3.73
C LYS A 570 -1.26 6.41 -4.01
N LEU A 571 -0.18 5.84 -4.54
CA LEU A 571 0.98 6.64 -4.91
C LEU A 571 0.67 7.56 -6.08
N PHE A 572 -0.16 7.10 -7.02
CA PHE A 572 -0.66 8.00 -8.05
C PHE A 572 -1.36 9.20 -7.42
N GLU A 573 -2.21 8.93 -6.42
CA GLU A 573 -2.89 10.01 -5.72
C GLU A 573 -1.87 10.97 -5.11
N PHE A 574 -0.90 10.43 -4.38
CA PHE A 574 0.09 11.29 -3.74
C PHE A 574 0.89 12.08 -4.77
N MET A 575 1.04 11.55 -5.98
CA MET A 575 1.74 12.27 -7.03
C MET A 575 0.98 13.52 -7.46
N HIS A 576 -0.32 13.59 -7.18
CA HIS A 576 -1.09 14.78 -7.42
C HIS A 576 -1.22 15.67 -6.19
N GLU A 577 -0.63 15.25 -5.07
CA GLU A 577 -0.60 16.11 -3.89
C GLU A 577 0.33 17.30 -4.12
N THR A 578 0.09 18.37 -3.36
CA THR A 578 1.00 19.51 -3.31
C THR A 578 1.17 19.86 -1.83
N HIS A 579 2.09 19.16 -1.18
CA HIS A 579 2.36 19.41 0.23
C HIS A 579 3.56 18.60 0.70
N ASP A 580 4.48 19.25 1.42
CA ASP A 580 5.58 18.56 2.11
C ASP A 580 6.35 17.65 1.15
N GLY A 581 6.45 18.05 -0.11
CA GLY A 581 7.21 17.29 -1.08
C GLY A 581 6.74 15.86 -1.21
N VAL A 582 5.48 15.62 -0.82
CA VAL A 582 4.95 14.26 -0.79
C VAL A 582 5.13 13.60 -2.14
N GLN A 583 4.80 14.33 -3.21
CA GLN A 583 5.01 13.83 -4.56
C GLN A 583 6.38 13.14 -4.67
N ASP A 584 7.44 13.91 -4.41
CA ASP A 584 8.79 13.34 -4.48
C ASP A 584 8.84 12.03 -3.70
N MET A 585 8.47 12.07 -2.42
CA MET A 585 8.49 10.87 -1.61
C MET A 585 7.75 9.75 -2.32
N ALA A 586 6.52 10.02 -2.74
CA ALA A 586 5.75 9.00 -3.44
C ALA A 586 6.56 8.44 -4.60
N CYS A 587 7.04 9.33 -5.47
CA CYS A 587 7.83 8.87 -6.61
C CYS A 587 8.95 7.97 -6.14
N ASP A 588 9.70 8.42 -5.13
CA ASP A 588 10.77 7.60 -4.58
C ASP A 588 10.23 6.21 -4.27
N THR A 589 9.26 6.14 -3.37
CA THR A 589 8.68 4.85 -3.02
C THR A 589 8.36 4.07 -4.29
N PHE A 590 7.61 4.70 -5.19
CA PHE A 590 7.22 4.03 -6.43
C PHE A 590 8.42 3.34 -7.06
N ILE A 591 9.45 4.13 -7.40
CA ILE A 591 10.53 3.55 -8.19
C ILE A 591 11.13 2.37 -7.45
N LYS A 592 11.30 2.49 -6.14
CA LYS A 592 11.84 1.38 -5.36
C LYS A 592 11.10 0.10 -5.69
N ILE A 593 9.79 0.10 -5.44
CA ILE A 593 9.01 -1.11 -5.67
C ILE A 593 9.08 -1.48 -7.15
N ALA A 594 9.05 -0.46 -8.02
CA ALA A 594 9.10 -0.73 -9.45
C ALA A 594 10.32 -1.57 -9.81
N GLN A 595 11.43 -1.35 -9.10
CA GLN A 595 12.63 -2.14 -9.37
C GLN A 595 12.49 -3.55 -8.82
N LYS A 596 11.93 -3.69 -7.63
CA LYS A 596 11.97 -4.97 -6.93
C LYS A 596 10.85 -5.92 -7.32
N CYS A 597 9.87 -5.46 -8.09
CA CYS A 597 8.82 -6.34 -8.60
C CYS A 597 8.46 -6.00 -10.04
N ARG A 598 9.43 -5.50 -10.81
CA ARG A 598 9.19 -5.19 -12.21
C ARG A 598 8.58 -6.38 -12.94
N ARG A 599 9.06 -7.59 -12.62
CA ARG A 599 8.57 -8.83 -13.19
C ARG A 599 7.05 -8.86 -13.27
N HIS A 600 6.39 -8.44 -12.20
CA HIS A 600 4.95 -8.64 -12.07
C HIS A 600 4.14 -7.66 -12.91
N PHE A 601 4.62 -6.44 -13.07
CA PHE A 601 3.85 -5.43 -13.81
C PHE A 601 3.69 -5.81 -15.27
N VAL A 602 4.73 -6.37 -15.89
CA VAL A 602 4.72 -6.72 -17.31
C VAL A 602 3.89 -7.98 -17.54
N GLN A 603 3.36 -8.55 -16.46
CA GLN A 603 2.62 -9.80 -16.53
C GLN A 603 1.14 -9.54 -16.31
N VAL A 604 0.30 -10.27 -17.06
CA VAL A 604 -1.14 -10.22 -16.86
C VAL A 604 -1.45 -10.98 -15.59
N GLN A 605 -1.61 -10.25 -14.48
CA GLN A 605 -1.74 -10.89 -13.18
C GLN A 605 -3.17 -11.41 -12.99
N VAL A 606 -3.36 -12.13 -11.89
CA VAL A 606 -4.61 -12.83 -11.61
C VAL A 606 -5.77 -11.86 -11.75
N GLY A 607 -6.69 -12.16 -12.67
CA GLY A 607 -7.85 -11.32 -12.91
C GLY A 607 -7.57 -10.10 -13.75
N GLU A 608 -6.33 -9.89 -14.19
CA GLU A 608 -6.01 -8.73 -15.00
C GLU A 608 -6.32 -9.01 -16.47
N VAL A 609 -6.91 -8.00 -17.12
CA VAL A 609 -7.13 -8.07 -18.57
C VAL A 609 -5.86 -7.81 -19.36
N MET A 610 -4.80 -7.36 -18.69
CA MET A 610 -3.62 -6.83 -19.36
C MET A 610 -2.47 -6.82 -18.38
N PRO A 611 -1.23 -6.72 -18.85
CA PRO A 611 -0.13 -6.41 -17.93
C PRO A 611 -0.32 -5.02 -17.36
N PHE A 612 -0.35 -4.93 -16.04
CA PHE A 612 -0.74 -3.69 -15.40
C PHE A 612 0.11 -2.51 -15.86
N ILE A 613 1.35 -2.77 -16.26
CA ILE A 613 2.21 -1.69 -16.73
C ILE A 613 1.52 -0.91 -17.84
N ASP A 614 0.91 -1.62 -18.79
CA ASP A 614 0.21 -0.95 -19.88
C ASP A 614 -0.82 0.02 -19.35
N GLU A 615 -1.60 -0.41 -18.34
CA GLU A 615 -2.58 0.49 -17.74
C GLU A 615 -1.91 1.77 -17.26
N ILE A 616 -0.78 1.63 -16.57
CA ILE A 616 -0.04 2.79 -16.13
C ILE A 616 0.35 3.65 -17.32
N LEU A 617 0.82 3.00 -18.39
CA LEU A 617 1.22 3.75 -19.58
C LEU A 617 0.07 4.57 -20.14
N ASN A 618 -1.17 4.20 -19.81
CA ASN A 618 -2.31 5.01 -20.21
C ASN A 618 -2.61 6.08 -19.16
N ASN A 619 -2.54 5.72 -17.87
CA ASN A 619 -2.79 6.69 -16.81
C ASN A 619 -1.68 7.74 -16.72
N ILE A 620 -0.52 7.48 -17.32
CA ILE A 620 0.65 8.30 -17.08
C ILE A 620 0.34 9.76 -17.39
N ASN A 621 -0.29 10.02 -18.53
CA ASN A 621 -0.55 11.40 -18.93
C ASN A 621 -1.24 12.17 -17.81
N THR A 622 -2.20 11.53 -17.14
CA THR A 622 -2.89 12.20 -16.04
C THR A 622 -1.98 12.31 -14.81
N ILE A 623 -1.29 11.23 -14.48
CA ILE A 623 -0.51 11.20 -13.25
C ILE A 623 0.55 12.30 -13.27
N ILE A 624 1.17 12.51 -14.42
CA ILE A 624 2.24 13.50 -14.55
C ILE A 624 1.71 14.92 -14.59
N CYS A 625 0.40 15.12 -14.74
CA CYS A 625 -0.13 16.46 -14.92
C CYS A 625 0.12 17.35 -13.71
N ASP A 626 0.46 16.77 -12.55
CA ASP A 626 0.78 17.54 -11.37
C ASP A 626 2.24 17.45 -10.94
N LEU A 627 3.04 16.62 -11.59
CA LEU A 627 4.39 16.32 -11.12
C LEU A 627 5.42 17.32 -11.66
N GLN A 628 6.51 17.46 -10.90
CA GLN A 628 7.63 18.32 -11.25
C GLN A 628 8.64 17.57 -12.11
N PRO A 629 9.52 18.29 -12.80
CA PRO A 629 10.43 17.62 -13.75
C PRO A 629 11.25 16.48 -13.14
N GLN A 630 11.77 16.66 -11.93
CA GLN A 630 12.50 15.56 -11.30
C GLN A 630 11.57 14.41 -10.98
N GLN A 631 10.36 14.72 -10.52
CA GLN A 631 9.37 13.67 -10.30
C GLN A 631 9.04 12.96 -11.60
N VAL A 632 8.91 13.71 -12.69
CA VAL A 632 8.67 13.11 -14.00
C VAL A 632 9.81 12.17 -14.36
N HIS A 633 11.05 12.61 -14.13
CA HIS A 633 12.20 11.76 -14.43
C HIS A 633 12.14 10.47 -13.63
N THR A 634 11.85 10.58 -12.33
CA THR A 634 11.80 9.38 -11.50
C THR A 634 10.70 8.43 -11.96
N PHE A 635 9.52 8.96 -12.27
CA PHE A 635 8.43 8.12 -12.73
C PHE A 635 8.78 7.44 -14.04
N TYR A 636 9.37 8.20 -14.97
CA TYR A 636 9.79 7.62 -16.23
C TYR A 636 10.82 6.53 -16.00
N GLU A 637 11.74 6.73 -15.06
CA GLU A 637 12.77 5.72 -14.81
C GLU A 637 12.15 4.44 -14.26
N ALA A 638 11.21 4.57 -13.33
CA ALA A 638 10.53 3.38 -12.82
C ALA A 638 9.79 2.66 -13.94
N VAL A 639 9.08 3.42 -14.78
CA VAL A 639 8.38 2.83 -15.91
C VAL A 639 9.36 2.15 -16.84
N GLY A 640 10.54 2.74 -17.01
CA GLY A 640 11.54 2.13 -17.87
C GLY A 640 12.04 0.81 -17.33
N TYR A 641 12.26 0.73 -16.02
CA TYR A 641 12.63 -0.55 -15.42
C TYR A 641 11.54 -1.58 -15.67
N MET A 642 10.29 -1.19 -15.43
CA MET A 642 9.18 -2.11 -15.64
C MET A 642 9.13 -2.58 -17.08
N ILE A 643 9.32 -1.65 -18.03
CA ILE A 643 9.34 -2.01 -19.44
C ILE A 643 10.47 -2.99 -19.72
N GLY A 644 11.65 -2.71 -19.18
CA GLY A 644 12.77 -3.61 -19.34
C GLY A 644 12.44 -5.01 -18.86
N ALA A 645 11.58 -5.12 -17.85
CA ALA A 645 11.14 -6.44 -17.42
C ALA A 645 10.40 -7.19 -18.53
N GLN A 646 9.89 -6.50 -19.54
CA GLN A 646 9.13 -7.13 -20.61
C GLN A 646 10.07 -7.91 -21.52
N THR A 647 10.08 -9.24 -21.37
CA THR A 647 10.95 -10.06 -22.18
C THR A 647 10.59 -9.99 -23.65
N ASP A 648 9.30 -10.05 -23.97
CA ASP A 648 8.84 -10.02 -25.35
C ASP A 648 9.22 -8.67 -25.97
N GLN A 649 10.20 -8.69 -26.87
CA GLN A 649 10.67 -7.44 -27.45
C GLN A 649 9.60 -6.74 -28.28
N THR A 650 8.56 -7.44 -28.71
CA THR A 650 7.50 -6.81 -29.48
C THR A 650 6.59 -5.98 -28.59
N VAL A 651 6.02 -6.62 -27.56
CA VAL A 651 5.29 -5.86 -26.55
C VAL A 651 6.19 -4.79 -25.95
N GLN A 652 7.47 -5.09 -25.79
CA GLN A 652 8.40 -4.11 -25.26
C GLN A 652 8.54 -2.91 -26.20
N GLU A 653 8.57 -3.17 -27.51
CA GLU A 653 8.59 -2.08 -28.48
C GLU A 653 7.35 -1.21 -28.32
N HIS A 654 6.20 -1.84 -28.16
CA HIS A 654 4.97 -1.07 -27.97
C HIS A 654 5.04 -0.25 -26.69
N LEU A 655 5.55 -0.86 -25.61
CA LEU A 655 5.71 -0.14 -24.35
C LEU A 655 6.60 1.08 -24.55
N ILE A 656 7.73 0.90 -25.24
CA ILE A 656 8.67 1.99 -25.43
C ILE A 656 8.03 3.09 -26.27
N GLU A 657 7.30 2.70 -27.31
CA GLU A 657 6.66 3.70 -28.16
C GLU A 657 5.70 4.56 -27.35
N LYS A 658 4.79 3.93 -26.62
CA LYS A 658 3.86 4.70 -25.80
C LYS A 658 4.61 5.51 -24.75
N TYR A 659 5.64 4.92 -24.16
CA TYR A 659 6.36 5.51 -23.05
C TYR A 659 7.09 6.78 -23.47
N MET A 660 7.69 6.78 -24.66
CA MET A 660 8.41 7.93 -25.16
C MET A 660 7.55 8.85 -26.02
N LEU A 661 6.31 8.46 -26.32
CA LEU A 661 5.50 9.23 -27.25
C LEU A 661 5.46 10.72 -26.89
N LEU A 662 5.15 11.04 -25.64
CA LEU A 662 5.07 12.45 -25.26
C LEU A 662 6.41 13.15 -25.43
N PRO A 663 7.52 12.66 -24.86
CA PRO A 663 8.82 13.23 -25.23
C PRO A 663 9.05 13.17 -26.73
N ASN A 664 8.65 12.07 -27.36
CA ASN A 664 8.80 11.96 -28.81
C ASN A 664 7.96 13.00 -29.52
N GLN A 665 6.75 13.25 -29.03
CA GLN A 665 5.88 14.23 -29.68
C GLN A 665 6.49 15.63 -29.60
N VAL A 666 6.93 16.03 -28.41
CA VAL A 666 7.54 17.35 -28.28
C VAL A 666 8.80 17.44 -29.12
N TRP A 667 9.59 16.36 -29.13
CA TRP A 667 10.81 16.34 -29.92
C TRP A 667 10.51 16.52 -31.40
N ASP A 668 9.49 15.81 -31.90
CA ASP A 668 9.11 15.94 -33.30
C ASP A 668 8.63 17.35 -33.61
N SER A 669 7.87 17.93 -32.70
CA SER A 669 7.45 19.33 -32.88
C SER A 669 8.67 20.23 -33.03
N ILE A 670 9.65 20.06 -32.15
CA ILE A 670 10.83 20.91 -32.19
C ILE A 670 11.61 20.69 -33.49
N ILE A 671 11.72 19.44 -33.92
CA ILE A 671 12.45 19.14 -35.15
C ILE A 671 11.74 19.77 -36.35
N GLN A 672 10.41 19.67 -36.39
CA GLN A 672 9.65 20.27 -37.46
C GLN A 672 9.85 21.78 -37.47
N GLN A 673 9.78 22.40 -36.30
CA GLN A 673 10.03 23.84 -36.22
C GLN A 673 11.43 24.19 -36.70
N ALA A 674 12.40 23.33 -36.37
CA ALA A 674 13.78 23.59 -36.79
C ALA A 674 13.89 23.57 -38.31
N THR A 675 13.31 22.55 -38.94
CA THR A 675 13.35 22.51 -40.40
C THR A 675 12.56 23.68 -40.99
N LYS A 676 11.57 24.19 -40.26
CA LYS A 676 10.94 25.44 -40.70
C LYS A 676 11.90 26.61 -40.53
N ASN A 677 12.60 26.67 -39.40
CA ASN A 677 13.53 27.76 -39.14
C ASN A 677 14.54 27.32 -38.08
N VAL A 678 15.82 27.57 -38.36
CA VAL A 678 16.85 27.28 -37.36
C VAL A 678 16.63 28.10 -36.10
N ASP A 679 15.98 29.26 -36.22
CA ASP A 679 15.83 30.15 -35.09
C ASP A 679 15.11 29.51 -33.92
N ILE A 680 14.33 28.46 -34.16
CA ILE A 680 13.70 27.74 -33.05
C ILE A 680 14.78 27.22 -32.10
N LEU A 681 15.86 26.67 -32.66
CA LEU A 681 16.96 26.21 -31.82
C LEU A 681 17.57 27.36 -31.02
N LYS A 682 17.48 28.58 -31.54
CA LYS A 682 18.02 29.74 -30.87
C LYS A 682 17.06 30.33 -29.84
N ASP A 683 16.10 29.54 -29.38
CA ASP A 683 15.18 29.95 -28.34
C ASP A 683 15.55 29.25 -27.04
N PRO A 684 15.83 29.99 -25.96
CA PRO A 684 16.06 29.30 -24.66
C PRO A 684 14.94 28.32 -24.34
N GLU A 685 13.72 28.65 -24.74
CA GLU A 685 12.60 27.73 -24.51
C GLU A 685 12.82 26.42 -25.25
N THR A 686 13.18 26.51 -26.53
CA THR A 686 13.37 25.31 -27.33
C THR A 686 14.50 24.45 -26.77
N VAL A 687 15.62 25.09 -26.44
CA VAL A 687 16.76 24.32 -25.92
C VAL A 687 16.40 23.70 -24.57
N LYS A 688 15.63 24.40 -23.75
CA LYS A 688 15.21 23.84 -22.47
C LYS A 688 14.27 22.66 -22.67
N GLN A 689 13.35 22.76 -23.62
CA GLN A 689 12.48 21.63 -23.95
C GLN A 689 13.32 20.44 -24.41
N LEU A 690 14.30 20.70 -25.27
CA LEU A 690 15.17 19.63 -25.72
C LEU A 690 15.95 19.03 -24.56
N GLY A 691 16.41 19.86 -23.63
CA GLY A 691 17.11 19.35 -22.47
C GLY A 691 16.24 18.47 -21.61
N SER A 692 14.99 18.86 -21.40
CA SER A 692 14.07 18.00 -20.67
C SER A 692 13.87 16.69 -21.40
N ILE A 693 13.69 16.75 -22.73
CA ILE A 693 13.54 15.54 -23.52
C ILE A 693 14.77 14.65 -23.35
N LEU A 694 15.95 15.24 -23.36
CA LEU A 694 17.18 14.47 -23.28
C LEU A 694 17.34 13.85 -21.90
N LYS A 695 17.00 14.59 -20.85
CA LYS A 695 17.05 14.00 -19.50
C LYS A 695 16.11 12.82 -19.40
N THR A 696 14.88 12.98 -19.91
CA THR A 696 13.93 11.88 -19.89
C THR A 696 14.46 10.69 -20.67
N ASN A 697 15.02 10.94 -21.86
CA ASN A 697 15.54 9.86 -22.68
C ASN A 697 16.73 9.18 -22.02
N VAL A 698 17.58 9.96 -21.35
CA VAL A 698 18.73 9.38 -20.66
C VAL A 698 18.25 8.45 -19.55
N ARG A 699 17.28 8.91 -18.75
CA ARG A 699 16.75 8.07 -17.70
C ARG A 699 16.11 6.81 -18.28
N ALA A 700 15.35 6.97 -19.36
CA ALA A 700 14.67 5.84 -19.96
C ALA A 700 15.65 4.82 -20.51
N CYS A 701 16.69 5.28 -21.21
CA CYS A 701 17.71 4.37 -21.71
C CYS A 701 18.42 3.67 -20.55
N LYS A 702 18.78 4.44 -19.51
CA LYS A 702 19.39 3.85 -18.33
C LYS A 702 18.53 2.73 -17.77
N ALA A 703 17.22 2.91 -17.78
CA ALA A 703 16.33 1.90 -17.23
C ALA A 703 16.12 0.72 -18.19
N VAL A 704 16.15 0.97 -19.50
CA VAL A 704 15.71 -0.02 -20.47
C VAL A 704 16.87 -0.87 -20.98
N GLY A 705 18.00 -0.26 -21.30
CA GLY A 705 19.09 -0.98 -21.93
C GLY A 705 18.95 -0.99 -23.45
N HIS A 706 19.47 -2.05 -24.06
CA HIS A 706 19.49 -2.15 -25.51
C HIS A 706 18.11 -1.97 -26.16
N PRO A 707 17.03 -2.56 -25.65
CA PRO A 707 15.74 -2.44 -26.33
C PRO A 707 15.37 -0.99 -26.62
N PHE A 708 15.95 -0.07 -25.83
CA PHE A 708 15.84 1.35 -26.13
C PHE A 708 16.40 1.69 -27.51
N VAL A 709 17.06 0.73 -28.17
CA VAL A 709 17.58 0.95 -29.51
C VAL A 709 16.50 1.46 -30.45
N ILE A 710 15.24 1.05 -30.24
CA ILE A 710 14.18 1.51 -31.13
C ILE A 710 14.02 3.02 -31.03
N GLN A 711 13.91 3.54 -29.81
CA GLN A 711 13.83 4.99 -29.63
C GLN A 711 15.10 5.67 -30.13
N LEU A 712 16.25 5.07 -29.84
CA LEU A 712 17.51 5.66 -30.26
C LEU A 712 17.55 5.83 -31.77
N GLY A 713 17.20 4.78 -32.51
CA GLY A 713 17.16 4.89 -33.96
C GLY A 713 16.09 5.86 -34.43
N ARG A 714 14.97 5.90 -33.72
CA ARG A 714 13.91 6.84 -34.06
C ARG A 714 14.44 8.27 -34.04
N ILE A 715 15.28 8.61 -33.06
CA ILE A 715 15.70 10.00 -32.87
C ILE A 715 17.12 10.27 -33.34
N TYR A 716 17.85 9.26 -33.82
CA TYR A 716 19.29 9.42 -33.98
C TYR A 716 19.65 10.52 -34.97
N LEU A 717 19.09 10.46 -36.17
CA LEU A 717 19.55 11.35 -37.23
C LEU A 717 19.18 12.79 -36.93
N ASP A 718 17.92 13.05 -36.54
CA ASP A 718 17.54 14.42 -36.23
C ASP A 718 18.22 14.91 -34.96
N MET A 719 18.52 14.01 -34.02
CA MET A 719 19.26 14.39 -32.83
C MET A 719 20.67 14.85 -33.21
N LEU A 720 21.34 14.12 -34.09
CA LEU A 720 22.67 14.53 -34.51
C LEU A 720 22.61 15.82 -35.31
N ASN A 721 21.58 15.99 -36.14
CA ASN A 721 21.42 17.25 -36.85
C ASN A 721 21.24 18.40 -35.87
N VAL A 722 20.43 18.20 -34.83
CA VAL A 722 20.24 19.22 -33.81
C VAL A 722 21.55 19.51 -33.10
N TYR A 723 22.32 18.46 -32.80
CA TYR A 723 23.62 18.66 -32.15
C TYR A 723 24.55 19.47 -33.02
N LYS A 724 24.59 19.17 -34.32
CA LYS A 724 25.43 19.93 -35.24
C LYS A 724 24.97 21.39 -35.33
N CYS A 725 23.66 21.60 -35.40
CA CYS A 725 23.15 22.97 -35.42
C CYS A 725 23.50 23.72 -34.14
N LEU A 726 23.42 23.03 -33.00
CA LEU A 726 23.80 23.64 -31.74
C LEU A 726 25.26 24.03 -31.74
N SER A 727 26.12 23.16 -32.25
CA SER A 727 27.54 23.50 -32.34
C SER A 727 27.75 24.69 -33.28
N GLU A 728 27.04 24.71 -34.40
CA GLU A 728 27.17 25.81 -35.35
C GLU A 728 26.77 27.13 -34.71
N ASN A 729 25.66 27.14 -33.98
CA ASN A 729 25.23 28.36 -33.32
C ASN A 729 26.16 28.73 -32.18
N ILE A 730 26.74 27.73 -31.50
CA ILE A 730 27.75 28.00 -30.48
C ILE A 730 28.91 28.74 -31.10
N SER A 731 29.38 28.29 -32.28
CA SER A 731 30.45 28.99 -32.97
C SER A 731 30.01 30.39 -33.40
N ALA A 732 28.77 30.51 -33.90
CA ALA A 732 28.28 31.80 -34.36
C ALA A 732 28.21 32.81 -33.23
N ALA A 733 27.97 32.34 -32.00
CA ALA A 733 28.04 33.22 -30.84
C ALA A 733 29.49 33.47 -30.44
N ILE A 734 30.30 32.42 -30.40
CA ILE A 734 31.67 32.52 -29.92
C ILE A 734 32.45 33.54 -30.73
N GLN A 735 32.25 33.54 -32.05
CA GLN A 735 32.95 34.51 -32.89
C GLN A 735 32.69 35.94 -32.43
N ALA A 736 31.53 36.19 -31.84
CA ALA A 736 31.20 37.55 -31.42
C ALA A 736 31.97 37.98 -30.18
N ASN A 737 32.27 37.04 -29.28
CA ASN A 737 32.99 37.37 -28.04
C ASN A 737 34.09 36.37 -27.74
N GLY A 738 34.59 35.66 -28.75
CA GLY A 738 35.41 34.55 -28.38
C GLY A 738 34.53 33.59 -27.59
N GLU A 739 35.18 32.73 -26.81
CA GLU A 739 34.43 31.77 -26.02
C GLU A 739 33.62 32.41 -24.92
N MET A 740 33.84 33.70 -24.64
CA MET A 740 33.15 34.37 -23.53
C MET A 740 31.66 34.52 -23.76
N VAL A 741 31.13 34.12 -24.92
CA VAL A 741 29.69 33.95 -25.02
C VAL A 741 29.24 32.86 -24.07
N THR A 742 30.16 32.00 -23.66
CA THR A 742 29.87 31.02 -22.62
C THR A 742 29.49 31.74 -21.33
N LYS A 743 28.73 31.05 -20.50
CA LYS A 743 28.07 31.56 -19.30
C LYS A 743 26.83 32.37 -19.66
N GLN A 744 26.60 32.65 -20.93
CA GLN A 744 25.32 33.21 -21.36
C GLN A 744 24.27 32.11 -21.27
N PRO A 745 23.09 32.37 -20.67
CA PRO A 745 22.18 31.25 -20.37
C PRO A 745 21.85 30.39 -21.57
N LEU A 746 21.62 30.98 -22.74
CA LEU A 746 21.33 30.17 -23.91
C LEU A 746 22.53 29.30 -24.29
N ILE A 747 23.73 29.88 -24.23
CA ILE A 747 24.93 29.11 -24.54
C ILE A 747 25.12 27.99 -23.51
N ARG A 748 24.91 28.30 -22.24
CA ARG A 748 25.01 27.27 -21.21
C ARG A 748 24.03 26.14 -21.48
N SER A 749 22.78 26.48 -21.83
CA SER A 749 21.79 25.46 -22.10
C SER A 749 22.19 24.62 -23.31
N MET A 750 22.72 25.25 -24.36
CA MET A 750 23.13 24.50 -25.53
C MET A 750 24.26 23.54 -25.18
N ARG A 751 25.25 23.99 -24.42
CA ARG A 751 26.34 23.12 -24.02
C ARG A 751 25.84 21.96 -23.17
N THR A 752 24.92 22.24 -22.24
CA THR A 752 24.34 21.17 -21.44
C THR A 752 23.59 20.18 -22.30
N VAL A 753 22.85 20.67 -23.30
CA VAL A 753 22.12 19.79 -24.20
C VAL A 753 23.08 18.88 -24.95
N LYS A 754 24.17 19.45 -25.45
CA LYS A 754 25.16 18.64 -26.15
C LYS A 754 25.75 17.58 -25.21
N ARG A 755 26.05 17.97 -23.97
CA ARG A 755 26.59 17.01 -23.01
C ARG A 755 25.60 15.87 -22.78
N GLU A 756 24.32 16.20 -22.61
CA GLU A 756 23.32 15.16 -22.37
C GLU A 756 23.12 14.28 -23.60
N THR A 757 23.20 14.86 -24.79
CA THR A 757 23.14 14.05 -26.00
C THR A 757 24.28 13.03 -26.00
N LEU A 758 25.50 13.50 -25.75
CA LEU A 758 26.63 12.59 -25.65
C LEU A 758 26.39 11.52 -24.61
N LYS A 759 25.81 11.90 -23.47
CA LYS A 759 25.59 10.94 -22.40
C LYS A 759 24.57 9.87 -22.80
N LEU A 760 23.50 10.26 -23.50
CA LEU A 760 22.53 9.28 -23.97
C LEU A 760 23.17 8.32 -24.96
N ILE A 761 23.93 8.86 -25.90
CA ILE A 761 24.64 8.01 -26.86
C ILE A 761 25.54 7.05 -26.10
N SER A 762 26.27 7.57 -25.12
CA SER A 762 27.18 6.74 -24.33
C SER A 762 26.41 5.61 -23.66
N GLY A 763 25.32 5.94 -22.99
CA GLY A 763 24.52 4.93 -22.32
C GLY A 763 24.15 3.81 -23.27
N TRP A 764 23.42 4.14 -24.33
CA TRP A 764 22.94 3.06 -25.18
C TRP A 764 24.08 2.30 -25.82
N VAL A 765 25.09 3.01 -26.33
CA VAL A 765 26.19 2.32 -27.01
C VAL A 765 26.86 1.36 -26.05
N SER A 766 27.13 1.82 -24.82
CA SER A 766 27.66 0.91 -23.80
C SER A 766 26.75 -0.29 -23.62
N ARG A 767 25.45 -0.10 -23.78
CA ARG A 767 24.50 -1.21 -23.72
C ARG A 767 23.93 -1.51 -25.09
N SER A 768 24.78 -1.40 -26.12
CA SER A 768 24.41 -1.72 -27.48
C SER A 768 24.55 -3.20 -27.76
N ASN A 769 23.74 -3.69 -28.70
CA ASN A 769 23.79 -5.11 -29.06
C ASN A 769 24.96 -5.42 -29.97
N ASP A 770 25.12 -4.64 -31.04
CA ASP A 770 26.05 -4.97 -32.12
C ASP A 770 26.96 -3.77 -32.40
N PRO A 771 28.18 -3.75 -31.85
CA PRO A 771 29.10 -2.66 -32.19
C PRO A 771 29.33 -2.51 -33.69
N GLN A 772 29.19 -3.59 -34.46
CA GLN A 772 29.24 -3.45 -35.92
C GLN A 772 28.09 -2.57 -36.40
N MET A 773 26.89 -2.82 -35.89
CA MET A 773 25.75 -1.98 -36.25
C MET A 773 25.98 -0.54 -35.81
N VAL A 774 26.56 -0.37 -34.62
CA VAL A 774 26.84 0.98 -34.11
C VAL A 774 27.81 1.69 -35.04
N ALA A 775 28.87 0.99 -35.44
CA ALA A 775 29.86 1.58 -36.35
C ALA A 775 29.26 1.86 -37.72
N GLU A 776 28.26 1.10 -38.12
CA GLU A 776 27.67 1.30 -39.44
C GLU A 776 26.70 2.48 -39.45
N ASN A 777 25.78 2.50 -38.49
CA ASN A 777 24.68 3.46 -38.52
C ASN A 777 24.88 4.67 -37.63
N PHE A 778 25.64 4.55 -36.55
CA PHE A 778 25.66 5.58 -35.51
C PHE A 778 27.00 6.31 -35.42
N VAL A 779 28.09 5.59 -35.27
CA VAL A 779 29.36 6.23 -34.93
C VAL A 779 29.86 7.16 -36.02
N PRO A 780 29.83 6.80 -37.30
CA PRO A 780 30.45 7.66 -38.32
C PRO A 780 29.78 9.02 -38.37
N PRO A 781 28.44 9.09 -38.41
CA PRO A 781 27.80 10.40 -38.30
C PRO A 781 28.17 11.14 -37.03
N LEU A 782 28.29 10.41 -35.92
CA LEU A 782 28.68 11.03 -34.67
C LEU A 782 30.05 11.69 -34.80
N LEU A 783 31.01 10.98 -35.40
CA LEU A 783 32.33 11.55 -35.59
C LEU A 783 32.26 12.76 -36.52
N ASP A 784 31.50 12.66 -37.60
CA ASP A 784 31.31 13.80 -38.48
C ASP A 784 30.86 15.02 -37.67
N ALA A 785 29.92 14.82 -36.76
CA ALA A 785 29.39 15.94 -35.99
C ALA A 785 30.34 16.40 -34.90
N VAL A 786 31.20 15.52 -34.40
CA VAL A 786 31.91 15.73 -33.14
C VAL A 786 33.38 16.06 -33.35
N LEU A 787 34.09 15.23 -34.10
CA LEU A 787 35.55 15.32 -34.15
C LEU A 787 35.99 16.67 -34.69
N ILE A 788 35.61 16.98 -35.93
CA ILE A 788 36.09 18.20 -36.56
C ILE A 788 35.59 19.43 -35.82
N ASP A 789 34.36 19.35 -35.30
CA ASP A 789 33.82 20.46 -34.51
C ASP A 789 34.69 20.73 -33.28
N TYR A 790 34.88 19.70 -32.45
CA TYR A 790 35.74 19.81 -31.29
C TYR A 790 37.11 20.36 -31.69
N GLN A 791 37.63 19.91 -32.82
CA GLN A 791 38.92 20.40 -33.31
C GLN A 791 38.87 21.90 -33.54
N ARG A 792 37.81 22.38 -34.20
CA ARG A 792 37.65 23.79 -34.47
C ARG A 792 37.15 24.57 -33.26
N ASN A 793 36.60 23.89 -32.26
CA ASN A 793 35.99 24.57 -31.13
C ASN A 793 37.06 25.15 -30.21
N VAL A 794 36.60 25.81 -29.15
CA VAL A 794 37.46 26.44 -28.16
C VAL A 794 37.28 25.63 -26.87
N PRO A 795 38.31 25.51 -26.03
CA PRO A 795 38.30 24.46 -25.00
C PRO A 795 37.00 24.33 -24.20
N ALA A 796 36.29 25.42 -23.89
CA ALA A 796 35.05 25.28 -23.15
C ALA A 796 33.97 24.63 -23.99
N ALA A 797 33.78 25.12 -25.23
CA ALA A 797 32.85 24.46 -26.14
C ALA A 797 33.32 23.04 -26.44
N ARG A 798 34.61 22.76 -26.28
CA ARG A 798 35.15 21.42 -26.42
C ARG A 798 34.75 20.58 -25.20
N GLU A 799 33.59 19.95 -25.28
CA GLU A 799 33.01 19.31 -24.10
C GLU A 799 33.81 18.07 -23.72
N PRO A 800 34.12 17.87 -22.43
CA PRO A 800 34.88 16.68 -22.02
C PRO A 800 34.17 15.38 -22.35
N GLU A 801 32.84 15.36 -22.26
CA GLU A 801 32.11 14.11 -22.37
C GLU A 801 32.42 13.41 -23.69
N VAL A 802 32.71 14.17 -24.73
CA VAL A 802 33.09 13.61 -26.02
C VAL A 802 34.10 12.51 -25.79
N LEU A 803 35.21 12.84 -25.12
CA LEU A 803 36.25 11.87 -24.88
C LEU A 803 35.68 10.63 -24.22
N SER A 804 34.93 10.83 -23.13
CA SER A 804 34.31 9.69 -22.46
C SER A 804 33.53 8.86 -23.47
N THR A 805 32.67 9.51 -24.25
CA THR A 805 31.92 8.79 -25.26
C THR A 805 32.87 8.00 -26.16
N MET A 806 33.90 8.67 -26.67
CA MET A 806 34.86 7.97 -27.53
C MET A 806 35.38 6.73 -26.82
N ALA A 807 35.77 6.87 -25.56
CA ALA A 807 36.28 5.73 -24.81
C ALA A 807 35.28 4.60 -24.85
N ILE A 808 34.02 4.90 -24.52
CA ILE A 808 32.99 3.87 -24.56
C ILE A 808 32.90 3.26 -25.94
N ILE A 809 32.96 4.09 -26.97
CA ILE A 809 32.96 3.57 -28.34
C ILE A 809 34.10 2.58 -28.51
N VAL A 810 35.30 2.97 -28.09
CA VAL A 810 36.43 2.08 -28.18
C VAL A 810 36.14 0.79 -27.42
N ASN A 811 35.51 0.91 -26.25
CA ASN A 811 35.17 -0.28 -25.48
C ASN A 811 34.24 -1.20 -26.25
N LYS A 812 33.27 -0.62 -26.97
CA LYS A 812 32.31 -1.44 -27.71
C LYS A 812 32.82 -1.78 -29.10
N LEU A 813 33.30 -0.77 -29.84
CA LEU A 813 33.74 -0.97 -31.21
C LEU A 813 35.19 -1.42 -31.30
N GLY A 814 35.75 -1.96 -30.23
CA GLY A 814 37.06 -2.58 -30.32
C GLY A 814 37.12 -3.45 -31.55
N GLY A 815 38.14 -3.25 -32.39
CA GLY A 815 38.15 -3.84 -33.71
C GLY A 815 37.68 -2.84 -34.75
N HIS A 816 36.37 -2.84 -35.04
CA HIS A 816 35.80 -1.90 -36.00
C HIS A 816 36.36 -0.51 -35.82
N ILE A 817 36.53 -0.09 -34.56
CA ILE A 817 36.94 1.28 -34.27
C ILE A 817 38.32 1.60 -34.83
N THR A 818 39.10 0.58 -35.19
CA THR A 818 40.49 0.80 -35.58
C THR A 818 40.61 1.88 -36.65
N ALA A 819 39.86 1.74 -37.74
CA ALA A 819 40.02 2.66 -38.86
C ALA A 819 39.74 4.10 -38.48
N GLU A 820 39.01 4.33 -37.39
CA GLU A 820 38.66 5.68 -36.98
C GLU A 820 39.64 6.27 -35.98
N ILE A 821 40.49 5.44 -35.37
CA ILE A 821 41.43 5.94 -34.37
C ILE A 821 42.25 7.10 -34.91
N PRO A 822 42.86 7.03 -36.11
CA PRO A 822 43.70 8.15 -36.55
C PRO A 822 42.95 9.46 -36.57
N GLN A 823 41.87 9.52 -37.36
CA GLN A 823 41.12 10.77 -37.44
C GLN A 823 40.69 11.23 -36.05
N ILE A 824 40.25 10.29 -35.20
CA ILE A 824 39.84 10.64 -33.85
C ILE A 824 40.96 11.37 -33.13
N PHE A 825 42.17 10.83 -33.21
CA PHE A 825 43.30 11.49 -32.59
C PHE A 825 43.73 12.70 -33.41
N ASP A 826 43.60 12.63 -34.74
CA ASP A 826 43.98 13.77 -35.56
C ASP A 826 43.19 15.01 -35.18
N ALA A 827 41.86 14.87 -35.10
CA ALA A 827 41.01 16.01 -34.82
C ALA A 827 41.06 16.41 -33.35
N VAL A 828 41.04 15.43 -32.44
CA VAL A 828 40.75 15.66 -31.04
C VAL A 828 42.00 15.51 -30.17
N PHE A 829 42.73 14.41 -30.31
CA PHE A 829 43.84 14.14 -29.41
C PHE A 829 44.79 15.33 -29.33
N GLU A 830 45.06 15.97 -30.47
CA GLU A 830 45.92 17.16 -30.46
C GLU A 830 45.32 18.25 -29.59
N CYS A 831 44.05 18.59 -29.81
CA CYS A 831 43.44 19.71 -29.09
C CYS A 831 43.41 19.44 -27.59
N THR A 832 42.92 18.27 -27.19
CA THR A 832 42.85 17.96 -25.77
C THR A 832 44.25 17.89 -25.15
N LEU A 833 45.21 17.36 -25.90
CA LEU A 833 46.59 17.36 -25.43
C LEU A 833 47.06 18.78 -25.14
N ASN A 834 46.72 19.72 -26.02
CA ASN A 834 46.96 21.12 -25.73
C ASN A 834 46.23 21.53 -24.46
N MET A 835 45.03 20.97 -24.24
CA MET A 835 44.26 21.20 -23.03
C MET A 835 44.68 20.30 -21.88
N ILE A 836 45.57 19.34 -22.13
CA ILE A 836 45.94 18.34 -21.14
C ILE A 836 47.39 18.52 -20.67
N ASN A 837 48.29 18.91 -21.58
CA ASN A 837 49.67 19.14 -21.16
C ASN A 837 49.74 20.22 -20.08
N LYS A 838 48.74 21.08 -20.00
CA LYS A 838 48.63 21.99 -18.87
C LYS A 838 48.30 21.20 -17.61
N ASP A 839 48.33 21.89 -16.47
CA ASP A 839 48.12 21.21 -15.21
C ASP A 839 46.68 20.69 -15.13
N TYR A 843 40.73 21.66 -17.38
CA TYR A 843 39.87 20.74 -18.11
C TYR A 843 40.09 19.35 -17.53
N PRO A 844 39.96 19.20 -16.21
CA PRO A 844 40.31 17.92 -15.58
C PRO A 844 39.48 16.75 -16.07
N GLU A 845 38.20 16.97 -16.36
CA GLU A 845 37.38 15.87 -16.87
C GLU A 845 37.87 15.44 -18.24
N HIS A 846 38.25 16.40 -19.08
CA HIS A 846 38.87 16.06 -20.36
C HIS A 846 40.11 15.20 -20.13
N ARG A 847 40.92 15.56 -19.14
CA ARG A 847 42.18 14.84 -18.91
C ARG A 847 41.93 13.42 -18.40
N THR A 848 40.97 13.26 -17.49
CA THR A 848 40.65 11.92 -17.00
C THR A 848 40.07 11.06 -18.12
N ASN A 849 39.14 11.63 -18.90
CA ASN A 849 38.63 10.92 -20.06
C ASN A 849 39.76 10.55 -20.99
N PHE A 850 40.76 11.41 -21.12
CA PHE A 850 41.91 11.09 -21.96
C PHE A 850 42.67 9.89 -21.40
N PHE A 851 42.91 9.88 -20.09
CA PHE A 851 43.56 8.72 -19.49
C PHE A 851 42.84 7.44 -19.87
N LEU A 852 41.53 7.42 -19.61
CA LEU A 852 40.77 6.19 -19.82
C LEU A 852 40.69 5.83 -21.29
N LEU A 853 40.48 6.82 -22.16
CA LEU A 853 40.40 6.55 -23.59
C LEU A 853 41.73 6.04 -24.13
N LEU A 854 42.83 6.62 -23.68
CA LEU A 854 44.14 6.16 -24.15
C LEU A 854 44.38 4.73 -23.72
N GLN A 855 44.05 4.39 -22.47
CA GLN A 855 44.24 3.00 -22.03
C GLN A 855 43.31 2.06 -22.80
N ALA A 856 42.10 2.51 -23.11
CA ALA A 856 41.17 1.70 -23.89
C ALA A 856 41.72 1.43 -25.28
N VAL A 857 42.27 2.45 -25.93
CA VAL A 857 42.87 2.25 -27.24
C VAL A 857 44.06 1.31 -27.13
N ASN A 858 44.84 1.44 -26.05
CA ASN A 858 45.98 0.57 -25.84
C ASN A 858 45.56 -0.88 -25.74
N SER A 859 44.45 -1.14 -25.04
CA SER A 859 44.01 -2.51 -24.80
C SER A 859 43.25 -3.09 -26.00
N HIS A 860 42.11 -2.47 -26.36
CA HIS A 860 41.23 -3.06 -27.35
C HIS A 860 41.90 -3.15 -28.73
N CYS A 861 42.55 -2.07 -29.15
CA CYS A 861 43.02 -1.91 -30.52
C CYS A 861 44.49 -1.53 -30.53
N PHE A 862 45.30 -2.27 -29.76
CA PHE A 862 46.73 -1.97 -29.71
C PHE A 862 47.35 -1.95 -31.11
N PRO A 863 46.89 -2.78 -32.05
CA PRO A 863 47.38 -2.59 -33.42
C PRO A 863 47.20 -1.17 -33.92
N ALA A 864 46.02 -0.57 -33.67
CA ALA A 864 45.84 0.84 -33.98
C ALA A 864 46.75 1.71 -33.12
N PHE A 865 46.89 1.35 -31.85
CA PHE A 865 47.76 2.10 -30.94
C PHE A 865 49.15 2.27 -31.55
N LEU A 866 49.72 1.17 -32.04
CA LEU A 866 51.00 1.23 -32.73
C LEU A 866 50.87 1.99 -34.05
N ALA A 867 49.76 1.81 -34.74
CA ALA A 867 49.55 2.47 -36.03
C ALA A 867 49.37 3.97 -35.91
N ILE A 868 49.38 4.52 -34.70
CA ILE A 868 49.27 5.98 -34.57
C ILE A 868 50.41 6.63 -35.34
N PRO A 869 50.20 7.76 -36.00
CA PRO A 869 51.28 8.37 -36.78
C PRO A 869 52.50 8.61 -35.90
N PRO A 870 53.71 8.52 -36.47
CA PRO A 870 54.91 8.62 -35.63
C PRO A 870 54.95 9.89 -34.80
N THR A 871 54.50 11.02 -35.37
CA THR A 871 54.43 12.24 -34.57
C THR A 871 53.39 12.12 -33.47
N GLN A 872 52.17 11.69 -33.83
CA GLN A 872 51.14 11.53 -32.82
C GLN A 872 51.50 10.42 -31.84
N PHE A 873 52.20 9.39 -32.31
CA PHE A 873 52.64 8.32 -31.42
C PHE A 873 53.67 8.84 -30.41
N LYS A 874 54.62 9.64 -30.87
CA LYS A 874 55.57 10.26 -29.96
C LYS A 874 54.85 11.17 -28.97
N LEU A 875 53.85 11.91 -29.45
CA LEU A 875 53.07 12.75 -28.55
C LEU A 875 52.32 11.92 -27.51
N VAL A 876 51.85 10.74 -27.91
CA VAL A 876 51.20 9.85 -26.94
C VAL A 876 52.20 9.43 -25.87
N LEU A 877 53.41 9.04 -26.30
CA LEU A 877 54.42 8.66 -25.31
C LEU A 877 54.76 9.82 -24.40
N ASP A 878 54.85 11.03 -24.96
CA ASP A 878 55.13 12.21 -24.15
C ASP A 878 54.00 12.49 -23.17
N SER A 879 52.76 12.27 -23.60
CA SER A 879 51.63 12.43 -22.69
C SER A 879 51.72 11.43 -21.54
N ILE A 880 52.12 10.20 -21.85
CA ILE A 880 52.31 9.21 -20.79
C ILE A 880 53.39 9.68 -19.82
N ILE A 881 54.50 10.19 -20.37
CA ILE A 881 55.58 10.69 -19.53
C ILE A 881 55.07 11.80 -18.62
N TRP A 882 54.39 12.78 -19.20
CA TRP A 882 53.78 13.84 -18.41
C TRP A 882 52.85 13.27 -17.35
N ALA A 883 52.12 12.22 -17.68
CA ALA A 883 51.18 11.61 -16.75
C ALA A 883 51.92 11.08 -15.53
N PHE A 884 52.81 10.10 -15.73
CA PHE A 884 53.51 9.56 -14.56
C PHE A 884 54.54 10.53 -14.01
N LYS A 885 54.93 11.55 -14.77
CA LYS A 885 55.69 12.66 -14.22
C LYS A 885 54.80 13.73 -13.60
N HIS A 886 53.48 13.57 -13.68
CA HIS A 886 52.59 14.67 -13.34
C HIS A 886 52.64 15.00 -11.85
N GLN A 897 50.25 3.18 -14.56
CA GLN A 897 49.48 2.01 -14.98
C GLN A 897 49.38 1.96 -16.50
N ILE A 898 49.18 3.10 -17.15
CA ILE A 898 49.11 3.14 -18.60
C ILE A 898 50.45 2.72 -19.20
N LEU A 899 51.55 3.18 -18.59
CA LEU A 899 52.87 2.77 -19.04
C LEU A 899 53.06 1.27 -18.89
N PHE A 900 52.59 0.70 -17.79
CA PHE A 900 52.68 -0.75 -17.59
C PHE A 900 51.86 -1.49 -18.64
N THR A 901 50.68 -0.97 -18.96
CA THR A 901 49.87 -1.56 -20.01
C THR A 901 50.59 -1.52 -21.36
N LEU A 902 51.23 -0.38 -21.65
CA LEU A 902 51.97 -0.26 -22.91
C LEU A 902 53.14 -1.22 -22.94
N LEU A 903 53.82 -1.39 -21.80
CA LEU A 903 54.90 -2.37 -21.72
C LEU A 903 54.37 -3.77 -22.02
N GLN A 904 53.24 -4.12 -21.44
CA GLN A 904 52.63 -5.42 -21.72
C GLN A 904 52.34 -5.57 -23.21
N ASN A 905 51.68 -4.58 -23.80
CA ASN A 905 51.18 -4.73 -25.16
C ASN A 905 52.31 -4.71 -26.19
N VAL A 906 53.28 -3.81 -26.01
CA VAL A 906 54.33 -3.64 -27.01
C VAL A 906 55.25 -4.86 -27.11
N ALA A 907 55.22 -5.74 -26.12
CA ALA A 907 56.05 -6.94 -26.15
C ALA A 907 55.50 -7.92 -27.19
N SER A 915 62.39 -0.59 -32.80
CA SER A 915 62.50 0.85 -32.96
C SER A 915 61.88 1.58 -31.78
N PHE A 916 60.71 1.10 -31.36
CA PHE A 916 60.02 1.73 -30.23
C PHE A 916 60.90 1.74 -29.00
N TYR A 917 61.50 0.60 -28.66
CA TYR A 917 62.30 0.53 -27.45
C TYR A 917 63.51 1.45 -27.55
N GLN A 918 64.29 1.33 -28.62
CA GLN A 918 65.49 2.15 -28.73
C GLN A 918 65.14 3.64 -28.82
N THR A 919 63.90 3.96 -29.20
CA THR A 919 63.47 5.35 -29.23
C THR A 919 63.03 5.83 -27.85
N TYR A 920 62.04 5.16 -27.27
CA TYR A 920 61.43 5.59 -26.01
C TYR A 920 61.95 4.81 -24.81
N PHE A 921 62.01 3.48 -24.90
CA PHE A 921 62.40 2.66 -23.76
C PHE A 921 63.73 3.13 -23.19
N CYS A 922 64.73 3.34 -24.05
CA CYS A 922 66.03 3.79 -23.57
C CYS A 922 65.93 5.15 -22.90
N ASP A 923 65.24 6.11 -23.54
CA ASP A 923 65.14 7.44 -22.97
C ASP A 923 64.20 7.46 -21.77
N ILE A 924 63.06 6.78 -21.87
CA ILE A 924 62.10 6.77 -20.77
C ILE A 924 62.69 6.12 -19.53
N LEU A 925 63.73 5.29 -19.69
CA LEU A 925 64.32 4.61 -18.55
C LEU A 925 64.77 5.61 -17.49
N GLN A 926 65.43 6.69 -17.92
CA GLN A 926 65.84 7.73 -16.97
C GLN A 926 64.63 8.40 -16.36
N HIS A 927 63.60 8.67 -17.16
CA HIS A 927 62.41 9.35 -16.65
C HIS A 927 61.77 8.55 -15.52
N ILE A 928 61.60 7.24 -15.73
CA ILE A 928 60.99 6.42 -14.69
C ILE A 928 61.92 6.31 -13.50
N PHE A 929 63.23 6.29 -13.73
CA PHE A 929 64.17 6.34 -12.61
C PHE A 929 63.91 7.56 -11.74
N ILE A 947 57.05 -2.74 -13.35
CA ILE A 947 57.48 -2.20 -14.62
C ILE A 947 58.97 -2.39 -14.82
N LEU A 948 59.77 -2.04 -13.79
CA LEU A 948 61.21 -2.16 -13.93
C LEU A 948 61.63 -3.61 -14.12
N ALA A 949 61.02 -4.53 -13.37
CA ALA A 949 61.26 -5.94 -13.62
C ALA A 949 60.87 -6.30 -15.04
N TYR A 950 59.76 -5.75 -15.53
CA TYR A 950 59.39 -5.93 -16.93
C TYR A 950 60.46 -5.35 -17.85
N MET A 951 60.94 -4.15 -17.53
CA MET A 951 62.03 -3.57 -18.31
C MET A 951 63.29 -4.43 -18.21
N PHE A 952 63.60 -4.91 -17.00
CA PHE A 952 64.76 -5.79 -16.84
C PHE A 952 64.57 -7.07 -17.62
N ASN A 953 63.35 -7.62 -17.60
CA ASN A 953 63.07 -8.82 -18.38
C ASN A 953 63.26 -8.58 -19.87
N LEU A 954 62.77 -7.43 -20.36
CA LEU A 954 62.89 -7.14 -21.79
C LEU A 954 64.34 -7.11 -22.24
N VAL A 955 65.18 -6.36 -21.54
CA VAL A 955 66.58 -6.27 -21.93
C VAL A 955 67.29 -7.60 -21.69
N GLU A 956 66.99 -8.25 -20.57
CA GLU A 956 67.61 -9.53 -20.24
C GLU A 956 66.92 -10.67 -20.97
N ASP B 51 -1.91 -7.52 34.01
CA ASP B 51 -1.82 -8.48 35.09
C ASP B 51 -3.00 -8.32 36.06
N ALA B 52 -3.87 -9.34 36.10
CA ALA B 52 -5.00 -9.29 37.01
C ALA B 52 -4.55 -9.13 38.45
N ASP B 53 -3.38 -9.66 38.79
CA ASP B 53 -2.87 -9.50 40.16
C ASP B 53 -2.36 -8.09 40.40
N CYS B 54 -1.76 -7.46 39.40
CA CYS B 54 -1.25 -6.10 39.57
C CYS B 54 -2.39 -5.12 39.81
N VAL B 55 -3.46 -5.23 39.03
CA VAL B 55 -4.62 -4.38 39.25
C VAL B 55 -5.23 -4.68 40.61
N GLU B 64 -9.53 5.63 43.20
CA GLU B 64 -10.81 5.73 42.50
C GLU B 64 -10.69 5.13 41.11
N VAL B 65 -11.24 3.93 40.96
CA VAL B 65 -11.06 3.18 39.71
C VAL B 65 -11.65 3.94 38.54
N ASN B 66 -12.86 4.48 38.70
CA ASN B 66 -13.55 5.14 37.60
C ASN B 66 -12.98 6.50 37.26
N ALA B 67 -11.88 6.93 37.87
CA ALA B 67 -11.32 8.24 37.56
C ALA B 67 -10.81 8.28 36.13
N LEU B 68 -11.17 9.33 35.40
CA LEU B 68 -10.63 9.55 34.06
C LEU B 68 -9.27 10.22 34.16
N ASP B 69 -8.28 9.64 33.50
CA ASP B 69 -6.89 10.08 33.64
C ASP B 69 -6.65 11.32 32.79
N GLY B 70 -5.38 11.72 32.69
CA GLY B 70 -5.04 12.90 31.89
C GLY B 70 -5.47 12.78 30.46
N TYR B 71 -5.46 11.56 29.91
CA TYR B 71 -6.08 11.32 28.61
C TYR B 71 -7.59 11.23 28.69
N ASN B 72 -8.17 11.49 29.87
CA ASN B 72 -9.60 11.38 30.08
C ASN B 72 -10.08 9.97 29.72
N ARG B 73 -9.53 8.99 30.43
CA ARG B 73 -9.91 7.60 30.25
C ARG B 73 -9.70 6.86 31.56
N THR B 74 -10.39 5.73 31.68
CA THR B 74 -10.41 4.95 32.91
C THR B 74 -9.44 3.79 32.82
N ALA B 75 -8.99 3.34 33.99
CA ALA B 75 -8.15 2.14 34.04
C ALA B 75 -8.84 0.98 33.33
N LEU B 76 -10.18 0.95 33.39
CA LEU B 76 -10.91 -0.10 32.69
C LEU B 76 -10.64 -0.07 31.19
N HIS B 77 -10.41 1.11 30.62
CA HIS B 77 -10.07 1.17 29.20
C HIS B 77 -8.78 0.42 28.92
N TYR B 78 -7.75 0.65 29.75
CA TYR B 78 -6.49 -0.06 29.57
C TYR B 78 -6.68 -1.56 29.77
N ALA B 79 -7.43 -1.94 30.80
CA ALA B 79 -7.67 -3.36 31.04
C ALA B 79 -8.35 -3.99 29.83
N ALA B 80 -9.34 -3.31 29.27
CA ALA B 80 -10.02 -3.82 28.09
C ALA B 80 -9.06 -3.97 26.93
N GLU B 81 -8.18 -3.00 26.74
CA GLU B 81 -7.19 -3.10 25.68
C GLU B 81 -6.18 -4.21 25.94
N LYS B 82 -6.02 -4.65 27.19
CA LYS B 82 -5.00 -5.63 27.53
C LYS B 82 -5.54 -7.05 27.69
N ASP B 83 -6.47 -7.25 28.61
CA ASP B 83 -6.90 -8.61 28.91
C ASP B 83 -8.22 -8.59 29.65
N GLU B 84 -8.95 -9.71 29.55
CA GLU B 84 -10.25 -9.82 30.19
C GLU B 84 -10.13 -10.05 31.69
N ALA B 85 -9.02 -10.62 32.16
CA ALA B 85 -8.88 -10.87 33.60
C ALA B 85 -8.86 -9.57 34.39
N CYS B 86 -8.04 -8.62 33.95
CA CYS B 86 -8.02 -7.31 34.61
C CYS B 86 -9.37 -6.63 34.49
N VAL B 87 -10.04 -6.79 33.35
CA VAL B 87 -11.36 -6.21 33.18
C VAL B 87 -12.33 -6.77 34.21
N GLU B 88 -12.29 -8.09 34.40
CA GLU B 88 -13.17 -8.72 35.38
C GLU B 88 -12.86 -8.24 36.78
N VAL B 89 -11.56 -8.12 37.10
CA VAL B 89 -11.19 -7.65 38.43
C VAL B 89 -11.72 -6.24 38.66
N LEU B 90 -11.55 -5.36 37.67
CA LEU B 90 -12.05 -4.00 37.80
C LEU B 90 -13.57 -3.98 37.94
N LEU B 91 -14.26 -4.78 37.14
CA LEU B 91 -15.72 -4.83 37.24
C LEU B 91 -16.14 -5.28 38.63
N GLU B 92 -15.46 -6.29 39.17
CA GLU B 92 -15.75 -6.71 40.54
C GLU B 92 -15.56 -5.56 41.50
N TYR B 93 -14.52 -4.75 41.30
CA TYR B 93 -14.29 -3.56 42.11
C TYR B 93 -15.21 -2.40 41.74
N GLY B 94 -16.23 -2.64 40.92
CA GLY B 94 -17.20 -1.61 40.61
C GLY B 94 -16.84 -0.67 39.49
N ALA B 95 -15.86 -1.03 38.66
CA ALA B 95 -15.52 -0.18 37.53
C ALA B 95 -16.72 0.02 36.63
N ASN B 96 -16.96 1.26 36.23
CA ASN B 96 -18.09 1.56 35.37
C ASN B 96 -17.77 1.12 33.95
N PRO B 97 -18.48 0.13 33.39
CA PRO B 97 -18.21 -0.25 32.00
C PRO B 97 -18.48 0.86 31.01
N ASN B 98 -19.42 1.74 31.31
CA ASN B 98 -19.88 2.75 30.37
C ASN B 98 -19.17 4.09 30.53
N ALA B 99 -18.02 4.10 31.19
CA ALA B 99 -17.25 5.33 31.28
C ALA B 99 -16.87 5.82 29.90
N LEU B 100 -17.03 7.13 29.67
CA LEU B 100 -16.75 7.73 28.38
C LEU B 100 -15.43 8.49 28.47
N ASP B 101 -14.56 8.25 27.48
CA ASP B 101 -13.19 8.73 27.54
C ASP B 101 -13.08 10.12 26.91
N GLY B 102 -11.84 10.57 26.67
CA GLY B 102 -11.64 11.89 26.10
C GLY B 102 -12.33 12.10 24.79
N ASN B 103 -12.58 11.05 24.02
CA ASN B 103 -13.38 11.10 22.82
C ASN B 103 -14.71 10.39 23.00
N ARG B 104 -15.05 10.04 24.23
CA ARG B 104 -16.29 9.32 24.54
C ARG B 104 -16.32 7.94 23.88
N ASP B 105 -15.16 7.33 23.73
CA ASP B 105 -15.06 5.92 23.40
C ASP B 105 -15.07 5.12 24.70
N THR B 106 -15.88 4.09 24.74
CA THR B 106 -15.99 3.24 25.90
C THR B 106 -14.86 2.23 25.94
N PRO B 107 -14.61 1.62 27.09
CA PRO B 107 -13.69 0.47 27.10
C PRO B 107 -14.15 -0.59 26.12
N LEU B 108 -15.46 -0.72 25.93
CA LEU B 108 -15.98 -1.64 24.94
C LEU B 108 -15.49 -1.28 23.55
N HIS B 109 -15.43 0.01 23.22
CA HIS B 109 -14.96 0.41 21.90
C HIS B 109 -13.55 -0.13 21.64
N TRP B 110 -12.63 0.14 22.56
CA TRP B 110 -11.25 -0.29 22.36
C TRP B 110 -11.16 -1.81 22.37
N ALA B 111 -11.87 -2.48 23.28
CA ALA B 111 -11.87 -3.93 23.28
C ALA B 111 -12.30 -4.47 21.93
N ALA B 112 -13.35 -3.89 21.36
CA ALA B 112 -13.81 -4.33 20.05
C ALA B 112 -12.75 -4.10 18.98
N PHE B 113 -12.10 -2.95 19.03
CA PHE B 113 -11.04 -2.69 18.06
C PHE B 113 -9.88 -3.66 18.25
N LYS B 114 -9.50 -3.94 19.50
CA LYS B 114 -8.46 -4.91 19.77
C LYS B 114 -8.91 -6.33 19.49
N ASN B 115 -10.20 -6.56 19.27
CA ASN B 115 -10.74 -7.91 19.10
C ASN B 115 -10.48 -8.77 20.34
N ASN B 116 -10.30 -8.13 21.49
CA ASN B 116 -10.18 -8.87 22.74
C ASN B 116 -11.55 -9.42 23.11
N ALA B 117 -11.99 -10.45 22.39
CA ALA B 117 -13.37 -10.92 22.50
C ALA B 117 -13.76 -11.20 23.94
N GLU B 118 -12.84 -11.74 24.74
CA GLU B 118 -13.17 -12.04 26.13
C GLU B 118 -13.50 -10.79 26.91
N CYS B 119 -12.71 -9.73 26.71
CA CYS B 119 -13.03 -8.45 27.36
C CYS B 119 -14.37 -7.93 26.87
N VAL B 120 -14.65 -8.09 25.58
CA VAL B 120 -15.93 -7.63 25.03
C VAL B 120 -17.09 -8.32 25.73
N ARG B 121 -17.02 -9.65 25.83
CA ARG B 121 -18.11 -10.39 26.46
C ARG B 121 -18.21 -10.04 27.94
N ALA B 122 -17.07 -9.87 28.61
CA ALA B 122 -17.12 -9.49 30.03
C ALA B 122 -17.79 -8.13 30.21
N LEU B 123 -17.47 -7.17 29.35
CA LEU B 123 -18.09 -5.85 29.45
C LEU B 123 -19.58 -5.94 29.19
N LEU B 124 -19.98 -6.59 28.09
CA LEU B 124 -21.39 -6.66 27.74
C LEU B 124 -22.18 -7.39 28.83
N GLU B 125 -21.64 -8.49 29.33
CA GLU B 125 -22.32 -9.22 30.39
C GLU B 125 -22.45 -8.38 31.66
N SER B 126 -21.60 -7.38 31.82
CA SER B 126 -21.61 -6.54 33.01
C SER B 126 -22.44 -5.27 32.82
N GLY B 127 -23.14 -5.13 31.70
CA GLY B 127 -23.98 -3.99 31.47
C GLY B 127 -23.38 -2.90 30.61
N ALA B 128 -22.47 -3.23 29.70
CA ALA B 128 -21.88 -2.23 28.84
C ALA B 128 -22.92 -1.65 27.88
N SER B 129 -22.69 -0.41 27.47
CA SER B 129 -23.56 0.26 26.49
C SER B 129 -23.19 -0.23 25.10
N VAL B 130 -24.00 -1.14 24.56
CA VAL B 130 -23.65 -1.81 23.32
C VAL B 130 -23.42 -0.80 22.21
N ASN B 131 -24.32 0.17 22.06
CA ASN B 131 -24.32 1.09 20.93
C ASN B 131 -24.01 2.52 21.36
N ALA B 132 -23.14 2.67 22.35
CA ALA B 132 -22.69 4.00 22.72
C ALA B 132 -21.99 4.66 21.55
N LEU B 133 -22.21 5.96 21.39
CA LEU B 133 -21.69 6.72 20.26
C LEU B 133 -20.67 7.73 20.76
N ASP B 134 -19.45 7.63 20.24
CA ASP B 134 -18.37 8.53 20.63
C ASP B 134 -18.59 9.88 19.95
N TYR B 135 -17.61 10.78 20.09
CA TYR B 135 -17.71 12.06 19.39
C TYR B 135 -17.68 11.86 17.88
N ASN B 136 -17.01 10.81 17.40
CA ASN B 136 -17.17 10.40 16.01
C ASN B 136 -18.44 9.61 15.78
N ASN B 137 -19.14 9.25 16.85
CA ASN B 137 -20.39 8.49 16.76
C ASN B 137 -20.17 7.14 16.09
N ASP B 138 -18.99 6.57 16.28
CA ASP B 138 -18.71 5.22 15.84
C ASP B 138 -19.08 4.27 16.97
N THR B 139 -20.12 3.47 16.76
CA THR B 139 -20.47 2.43 17.73
C THR B 139 -19.37 1.37 17.73
N PRO B 140 -19.18 0.67 18.85
CA PRO B 140 -18.09 -0.33 18.89
C PRO B 140 -18.15 -1.28 17.72
N LEU B 141 -19.35 -1.62 17.26
CA LEU B 141 -19.46 -2.40 16.04
C LEU B 141 -18.77 -1.69 14.88
N SER B 142 -18.86 -0.36 14.82
CA SER B 142 -18.23 0.38 13.74
C SER B 142 -16.72 0.15 13.74
N TRP B 143 -16.09 0.25 14.91
CA TRP B 143 -14.66 0.00 15.00
C TRP B 143 -14.34 -1.45 14.63
N ALA B 144 -15.05 -2.39 15.24
CA ALA B 144 -14.76 -3.80 14.97
C ALA B 144 -14.86 -4.09 13.48
N ALA B 145 -15.84 -3.50 12.80
CA ALA B 145 -15.99 -3.73 11.37
C ALA B 145 -14.89 -3.04 10.58
N MET B 146 -14.58 -1.79 10.92
CA MET B 146 -13.57 -1.05 10.16
C MET B 146 -12.23 -1.74 10.24
N LYS B 147 -11.94 -2.39 11.38
CA LYS B 147 -10.75 -3.24 11.44
C LYS B 147 -11.01 -4.65 10.91
N GLY B 148 -12.28 -5.04 10.83
CA GLY B 148 -12.65 -6.28 10.16
C GLY B 148 -12.42 -7.55 10.94
N ASN B 149 -12.12 -7.47 12.24
CA ASN B 149 -12.01 -8.68 13.03
C ASN B 149 -13.39 -9.30 13.24
N LEU B 150 -13.41 -10.62 13.42
CA LEU B 150 -14.66 -11.38 13.39
C LEU B 150 -15.27 -11.62 14.76
N GLU B 151 -14.52 -12.23 15.67
CA GLU B 151 -15.13 -12.78 16.88
C GLU B 151 -15.91 -11.72 17.65
N SER B 152 -15.27 -10.59 17.94
CA SER B 152 -15.96 -9.54 18.68
C SER B 152 -17.17 -9.03 17.93
N VAL B 153 -17.10 -9.00 16.59
CA VAL B 153 -18.27 -8.61 15.81
C VAL B 153 -19.41 -9.59 16.04
N SER B 154 -19.10 -10.89 16.07
CA SER B 154 -20.13 -11.88 16.35
C SER B 154 -20.72 -11.67 17.74
N ILE B 155 -19.86 -11.39 18.73
CA ILE B 155 -20.37 -11.19 20.08
C ILE B 155 -21.29 -9.98 20.13
N LEU B 156 -20.89 -8.89 19.46
CA LEU B 156 -21.75 -7.71 19.42
C LEU B 156 -23.09 -8.03 18.76
N LEU B 157 -23.05 -8.75 17.64
CA LEU B 157 -24.30 -9.09 16.97
C LEU B 157 -25.20 -9.92 17.86
N ASP B 158 -24.61 -10.86 18.61
CA ASP B 158 -25.41 -11.65 19.55
C ASP B 158 -26.04 -10.77 20.61
N TYR B 159 -25.37 -9.68 20.99
CA TYR B 159 -25.93 -8.72 21.93
C TYR B 159 -26.84 -7.69 21.26
N GLY B 160 -27.22 -7.93 20.01
CA GLY B 160 -28.17 -7.05 19.35
C GLY B 160 -27.66 -5.66 19.07
N ALA B 161 -26.38 -5.51 18.75
CA ALA B 161 -25.86 -4.23 18.30
C ALA B 161 -26.50 -3.85 16.96
N GLU B 162 -26.72 -2.56 16.77
CA GLU B 162 -27.42 -2.08 15.59
C GLU B 162 -26.45 -2.01 14.41
N VAL B 163 -26.77 -2.74 13.35
CA VAL B 163 -25.95 -2.68 12.14
C VAL B 163 -26.22 -1.38 11.37
N ARG B 164 -27.51 -1.13 11.13
CA ARG B 164 -27.94 0.06 10.33
C ARG B 164 -27.67 1.33 11.14
N VAL B 165 -26.43 1.81 11.13
CA VAL B 165 -26.06 3.05 11.80
C VAL B 165 -25.16 3.86 10.85
N ILE B 166 -25.12 5.17 11.08
CA ILE B 166 -24.27 6.07 10.32
C ILE B 166 -23.48 6.92 11.31
N ASN B 167 -22.16 6.94 11.14
CA ASN B 167 -21.32 7.79 11.96
C ASN B 167 -21.26 9.19 11.36
N LEU B 168 -20.69 10.12 12.13
CA LEU B 168 -20.50 11.47 11.61
C LEU B 168 -19.70 11.45 10.32
N ILE B 169 -18.79 10.47 10.18
CA ILE B 169 -18.02 10.34 8.96
C ILE B 169 -18.87 9.91 7.77
N GLY B 170 -20.11 9.46 8.04
CA GLY B 170 -20.97 9.00 6.97
C GLY B 170 -20.67 7.60 6.49
N GLN B 171 -20.21 6.73 7.38
CA GLN B 171 -19.90 5.35 7.04
C GLN B 171 -20.76 4.41 7.87
N THR B 172 -21.07 3.26 7.29
CA THR B 172 -21.65 2.17 8.04
C THR B 172 -20.57 1.14 8.36
N PRO B 173 -20.71 0.39 9.46
CA PRO B 173 -19.68 -0.62 9.75
C PRO B 173 -19.46 -1.58 8.60
N ILE B 174 -20.53 -1.99 7.92
CA ILE B 174 -20.38 -2.86 6.77
C ILE B 174 -19.67 -2.12 5.65
N SER B 175 -19.91 -0.82 5.51
CA SER B 175 -19.19 -0.06 4.48
C SER B 175 -17.69 -0.10 4.73
N ARG B 176 -17.28 0.09 5.99
CA ARG B 176 -15.85 0.07 6.30
C ARG B 176 -15.26 -1.32 6.12
N LEU B 177 -16.02 -2.36 6.48
CA LEU B 177 -15.54 -3.71 6.23
C LEU B 177 -15.37 -3.98 4.74
N VAL B 178 -16.33 -3.51 3.93
CA VAL B 178 -16.22 -3.67 2.48
C VAL B 178 -14.99 -2.95 1.97
N ALA B 179 -14.76 -1.73 2.46
CA ALA B 179 -13.57 -0.99 2.05
C ALA B 179 -12.31 -1.77 2.38
N LEU B 180 -12.26 -2.36 3.58
CA LEU B 180 -11.10 -3.17 3.95
C LEU B 180 -10.94 -4.35 3.02
N LEU B 181 -12.04 -5.03 2.68
CA LEU B 181 -11.96 -6.18 1.79
C LEU B 181 -11.46 -5.78 0.41
N VAL B 182 -11.86 -4.60 -0.07
CA VAL B 182 -11.44 -4.14 -1.39
C VAL B 182 -9.92 -4.07 -1.46
N ARG B 183 -9.26 -3.83 -0.32
CA ARG B 183 -7.82 -3.72 -0.28
C ARG B 183 -7.12 -5.07 -0.39
N GLY B 184 -7.87 -6.17 -0.40
CA GLY B 184 -7.27 -7.48 -0.52
C GLY B 184 -6.53 -7.95 0.71
N LEU B 185 -6.57 -7.19 1.80
CA LEU B 185 -5.85 -7.57 3.01
C LEU B 185 -6.55 -8.69 3.77
N GLY B 186 -7.86 -8.84 3.60
CA GLY B 186 -8.60 -9.80 4.39
C GLY B 186 -8.41 -11.24 3.91
N LYS B 189 -11.54 -15.44 6.91
CA LYS B 189 -12.12 -14.93 8.16
C LYS B 189 -12.84 -13.61 7.92
N GLU B 190 -12.23 -12.72 7.14
CA GLU B 190 -12.89 -11.46 6.81
C GLU B 190 -14.13 -11.69 5.95
N ASP B 191 -14.07 -12.68 5.06
CA ASP B 191 -15.27 -13.03 4.30
C ASP B 191 -16.38 -13.52 5.22
N SER B 192 -16.02 -14.29 6.25
CA SER B 192 -17.01 -14.75 7.21
C SER B 192 -17.60 -13.59 8.00
N CYS B 193 -16.76 -12.61 8.36
CA CYS B 193 -17.27 -11.42 9.03
C CYS B 193 -18.25 -10.67 8.13
N PHE B 194 -17.89 -10.52 6.86
CA PHE B 194 -18.81 -9.91 5.90
C PHE B 194 -20.10 -10.70 5.80
N GLU B 195 -20.01 -12.03 5.82
CA GLU B 195 -21.20 -12.87 5.78
C GLU B 195 -22.08 -12.64 6.99
N LEU B 196 -21.47 -12.56 8.17
CA LEU B 196 -22.26 -12.28 9.38
C LEU B 196 -22.95 -10.93 9.27
N LEU B 197 -22.24 -9.92 8.79
CA LEU B 197 -22.87 -8.62 8.62
C LEU B 197 -24.04 -8.70 7.65
N HIS B 198 -23.85 -9.41 6.53
CA HIS B 198 -24.93 -9.53 5.55
C HIS B 198 -26.14 -10.23 6.14
N ARG B 199 -25.91 -11.31 6.89
CA ARG B 199 -27.03 -12.03 7.48
C ARG B 199 -27.72 -11.18 8.54
N ALA B 200 -26.96 -10.39 9.31
CA ALA B 200 -27.58 -9.52 10.30
C ALA B 200 -28.43 -8.46 9.64
N VAL B 201 -27.93 -7.85 8.56
CA VAL B 201 -28.69 -6.81 7.87
C VAL B 201 -29.73 -7.37 6.93
N GLY B 202 -29.56 -8.61 6.46
CA GLY B 202 -30.49 -9.19 5.53
C GLY B 202 -30.30 -8.67 4.11
N HIS B 203 -30.44 -7.35 3.94
CA HIS B 203 -30.28 -6.72 2.65
C HIS B 203 -29.60 -5.37 2.83
N PHE B 204 -28.69 -5.05 1.93
CA PHE B 204 -28.00 -3.76 1.96
C PHE B 204 -28.06 -3.07 0.60
N LEU B 226 -22.09 -7.69 -4.33
CA LEU B 226 -22.85 -6.69 -3.58
C LEU B 226 -24.04 -6.19 -4.39
N THR B 227 -23.80 -5.91 -5.67
CA THR B 227 -24.85 -5.34 -6.52
C THR B 227 -26.08 -6.24 -6.54
N VAL B 228 -25.89 -7.53 -6.76
CA VAL B 228 -27.02 -8.46 -6.74
C VAL B 228 -27.68 -8.45 -5.37
N LEU B 229 -26.88 -8.44 -4.31
CA LEU B 229 -27.43 -8.34 -2.97
C LEU B 229 -28.12 -7.00 -2.73
N CYS B 230 -27.83 -5.99 -3.55
CA CYS B 230 -28.52 -4.71 -3.46
C CYS B 230 -29.79 -4.70 -4.32
N SER B 231 -29.69 -5.17 -5.55
CA SER B 231 -30.85 -5.20 -6.43
C SER B 231 -31.84 -6.30 -6.06
N ALA B 232 -31.38 -7.35 -5.41
CA ALA B 232 -32.29 -8.42 -4.98
C ALA B 232 -33.02 -7.98 -3.71
N PRO B 233 -34.35 -7.98 -3.70
CA PRO B 233 -35.06 -7.58 -2.48
C PRO B 233 -34.76 -8.45 -1.28
N GLY B 234 -34.31 -9.69 -1.49
CA GLY B 234 -34.01 -10.59 -0.40
C GLY B 234 -35.21 -11.42 0.01
N THR B 235 -34.92 -12.46 0.78
CA THR B 235 -35.95 -13.39 1.22
C THR B 235 -36.85 -12.75 2.27
N LEU B 236 -38.12 -13.15 2.26
CA LEU B 236 -39.00 -12.82 3.37
C LEU B 236 -38.45 -13.38 4.68
N LYS B 237 -37.79 -14.53 4.62
CA LYS B 237 -37.30 -15.18 5.82
C LYS B 237 -36.31 -14.28 6.57
N THR B 238 -35.30 -13.78 5.88
CA THR B 238 -34.30 -12.94 6.54
C THR B 238 -34.90 -11.62 7.01
N LEU B 239 -35.87 -11.09 6.26
CA LEU B 239 -36.57 -9.89 6.72
C LEU B 239 -37.27 -10.16 8.05
N ALA B 240 -37.97 -11.29 8.14
CA ALA B 240 -38.61 -11.66 9.40
C ALA B 240 -37.58 -11.83 10.50
N ARG B 241 -36.44 -12.45 10.18
CA ARG B 241 -35.39 -12.62 11.17
C ARG B 241 -34.91 -11.28 11.70
N TYR B 242 -34.67 -10.33 10.80
CA TYR B 242 -34.23 -9.01 11.21
C TYR B 242 -35.28 -8.35 12.10
N ALA B 243 -36.55 -8.45 11.71
CA ALA B 243 -37.61 -7.85 12.51
C ALA B 243 -37.65 -8.48 13.90
N VAL B 244 -37.52 -9.80 13.99
CA VAL B 244 -37.60 -10.49 15.27
C VAL B 244 -36.43 -10.06 16.16
N ARG B 245 -35.22 -10.05 15.60
CA ARG B 245 -34.07 -9.62 16.37
C ARG B 245 -34.25 -8.19 16.86
N ARG B 246 -34.69 -7.30 15.97
CA ARG B 246 -34.95 -5.93 16.36
C ARG B 246 -35.93 -5.87 17.53
N SER B 247 -36.98 -6.68 17.47
CA SER B 247 -37.94 -6.72 18.56
C SER B 247 -37.28 -7.18 19.85
N LEU B 248 -36.41 -8.19 19.77
CA LEU B 248 -35.74 -8.69 20.96
C LEU B 248 -34.95 -7.60 21.66
N GLY B 249 -34.42 -6.64 20.91
CA GLY B 249 -33.78 -5.50 21.51
C GLY B 249 -32.41 -5.82 22.10
N LEU B 250 -31.99 -4.93 23.00
CA LEU B 250 -30.63 -4.96 23.55
C LEU B 250 -30.57 -5.90 24.76
N GLN B 251 -30.77 -7.19 24.47
CA GLN B 251 -30.59 -8.24 25.45
C GLN B 251 -29.90 -9.42 24.76
N TYR B 252 -29.49 -10.40 25.56
CA TYR B 252 -28.70 -11.52 25.04
C TYR B 252 -29.58 -12.39 24.16
N LEU B 253 -29.43 -12.26 22.84
CA LEU B 253 -30.29 -13.00 21.92
C LEU B 253 -30.22 -14.51 22.11
N PRO B 254 -29.06 -15.14 22.29
CA PRO B 254 -29.05 -16.60 22.41
C PRO B 254 -29.98 -17.12 23.50
N ASP B 255 -30.06 -16.43 24.63
CA ASP B 255 -30.98 -16.85 25.67
C ASP B 255 -32.42 -16.49 25.31
N ALA B 256 -32.63 -15.30 24.75
CA ALA B 256 -33.99 -14.84 24.48
C ALA B 256 -34.69 -15.75 23.47
N VAL B 257 -33.98 -16.17 22.42
CA VAL B 257 -34.62 -16.95 21.37
C VAL B 257 -35.19 -18.25 21.91
N LYS B 258 -34.63 -18.76 23.02
CA LYS B 258 -35.14 -20.00 23.58
C LYS B 258 -36.61 -19.87 23.95
N GLY B 259 -36.99 -18.77 24.58
CA GLY B 259 -38.38 -18.57 24.96
C GLY B 259 -39.33 -18.52 23.79
N LEU B 260 -38.81 -18.24 22.60
CA LEU B 260 -39.67 -18.18 21.43
C LEU B 260 -40.21 -19.58 21.12
N PRO B 261 -41.49 -19.71 20.80
CA PRO B 261 -42.01 -21.02 20.37
C PRO B 261 -41.59 -21.35 18.94
N LEU B 262 -40.36 -21.81 18.79
CA LEU B 262 -39.75 -22.04 17.49
C LEU B 262 -39.04 -23.38 17.48
N PRO B 263 -38.90 -24.00 16.30
CA PRO B 263 -37.97 -25.13 16.17
C PRO B 263 -36.54 -24.68 16.45
N ALA B 264 -35.75 -25.61 16.98
CA ALA B 264 -34.35 -25.30 17.25
C ALA B 264 -33.66 -24.76 15.99
N SER B 265 -34.05 -25.27 14.82
CA SER B 265 -33.45 -24.78 13.58
C SER B 265 -33.70 -23.29 13.41
N LEU B 266 -34.95 -22.86 13.58
CA LEU B 266 -35.25 -21.44 13.39
C LEU B 266 -34.66 -20.60 14.50
N LYS B 267 -34.62 -21.12 15.73
CA LYS B 267 -33.96 -20.38 16.80
C LYS B 267 -32.50 -20.12 16.46
N GLU B 268 -31.82 -21.15 15.95
CA GLU B 268 -30.45 -20.97 15.48
C GLU B 268 -30.41 -19.96 14.35
N TYR B 269 -31.35 -20.04 13.41
CA TYR B 269 -31.36 -19.13 12.27
C TYR B 269 -31.46 -17.69 12.72
N LEU B 270 -32.24 -17.43 13.77
CA LEU B 270 -32.34 -16.08 14.30
C LEU B 270 -30.99 -15.57 14.78
N LEU B 271 -30.21 -16.43 15.41
CA LEU B 271 -28.90 -16.03 15.90
C LEU B 271 -27.86 -15.89 14.81
N LEU B 272 -28.26 -15.91 13.54
CA LEU B 272 -27.35 -15.71 12.42
C LEU B 272 -26.28 -16.80 12.33
N LEU B 273 -26.49 -17.91 13.03
CA LEU B 273 -25.56 -19.03 12.92
C LEU B 273 -25.67 -19.75 11.58
N GLU B 274 -26.67 -19.42 10.77
CA GLU B 274 -26.81 -20.01 9.44
C GLU B 274 -27.18 -18.94 8.43
N MET C 2 -53.00 -19.20 -15.17
CA MET C 2 -53.04 -17.75 -15.10
C MET C 2 -53.18 -17.28 -13.66
N TYR C 3 -54.26 -17.70 -13.01
CA TYR C 3 -54.55 -17.32 -11.65
C TYR C 3 -54.53 -18.54 -10.74
N VAL C 4 -54.33 -18.27 -9.44
CA VAL C 4 -54.26 -19.29 -8.41
C VAL C 4 -54.91 -18.74 -7.14
N LYS C 5 -55.55 -19.63 -6.40
CA LYS C 5 -56.25 -19.28 -5.17
C LYS C 5 -55.52 -19.87 -3.97
N LEU C 6 -55.51 -19.12 -2.88
CA LEU C 6 -54.82 -19.50 -1.65
C LEU C 6 -55.78 -19.33 -0.49
N ILE C 7 -55.97 -20.39 0.27
CA ILE C 7 -56.93 -20.41 1.37
C ILE C 7 -56.16 -20.39 2.67
N SER C 8 -56.51 -19.46 3.55
CA SER C 8 -55.88 -19.40 4.86
C SER C 8 -56.45 -20.48 5.76
N SER C 9 -55.69 -20.82 6.81
CA SER C 9 -56.16 -21.80 7.78
C SER C 9 -57.49 -21.36 8.38
N ASP C 10 -57.64 -20.07 8.65
CA ASP C 10 -58.87 -19.54 9.21
C ASP C 10 -59.95 -19.31 8.15
N GLY C 11 -59.77 -19.83 6.95
CA GLY C 11 -60.80 -19.80 5.93
C GLY C 11 -60.82 -18.55 5.07
N HIS C 12 -60.00 -17.55 5.35
CA HIS C 12 -59.91 -16.41 4.44
C HIS C 12 -59.29 -16.85 3.12
N GLU C 13 -59.71 -16.18 2.05
CA GLU C 13 -59.41 -16.62 0.70
C GLU C 13 -58.79 -15.47 -0.09
N PHE C 14 -57.76 -15.79 -0.87
CA PHE C 14 -56.99 -14.80 -1.60
C PHE C 14 -56.73 -15.34 -3.00
N ILE C 15 -56.51 -14.44 -3.95
CA ILE C 15 -56.29 -14.81 -5.34
C ILE C 15 -55.14 -13.98 -5.90
N VAL C 16 -54.27 -14.64 -6.67
CA VAL C 16 -53.16 -13.97 -7.33
C VAL C 16 -52.96 -14.63 -8.68
N LYS C 17 -51.97 -14.18 -9.44
CA LYS C 17 -51.54 -14.91 -10.62
C LYS C 17 -50.48 -15.93 -10.24
N ARG C 18 -50.61 -17.13 -10.83
CA ARG C 18 -49.64 -18.20 -10.62
C ARG C 18 -48.22 -17.65 -10.68
N GLU C 19 -48.01 -16.66 -11.54
CA GLU C 19 -46.74 -15.96 -11.63
C GLU C 19 -46.21 -15.61 -10.25
N HIS C 20 -46.96 -14.79 -9.50
CA HIS C 20 -46.48 -14.33 -8.21
C HIS C 20 -46.37 -15.47 -7.21
N ALA C 21 -47.37 -16.34 -7.18
CA ALA C 21 -47.34 -17.44 -6.22
C ALA C 21 -46.13 -18.33 -6.40
N LEU C 22 -45.64 -18.45 -7.64
CA LEU C 22 -44.47 -19.28 -7.90
C LEU C 22 -43.22 -18.72 -7.23
N THR C 23 -43.26 -17.47 -6.77
CA THR C 23 -42.14 -16.95 -5.98
C THR C 23 -41.82 -17.90 -4.82
N SER C 24 -42.85 -18.48 -4.22
CA SER C 24 -42.66 -19.48 -3.19
C SER C 24 -42.20 -20.79 -3.83
N GLY C 25 -41.10 -21.33 -3.32
CA GLY C 25 -40.67 -22.65 -3.77
C GLY C 25 -41.69 -23.71 -3.45
N THR C 26 -42.36 -23.58 -2.31
CA THR C 26 -43.42 -24.52 -1.96
C THR C 26 -44.55 -24.48 -2.97
N ILE C 27 -44.91 -23.27 -3.44
CA ILE C 27 -45.95 -23.16 -4.46
C ILE C 27 -45.53 -23.91 -5.71
N LYS C 28 -44.29 -23.69 -6.15
CA LYS C 28 -43.82 -24.36 -7.36
C LYS C 28 -43.84 -25.88 -7.18
N ALA C 29 -43.45 -26.35 -5.99
CA ALA C 29 -43.51 -27.79 -5.72
C ALA C 29 -44.94 -28.30 -5.80
N MET C 30 -45.89 -27.55 -5.22
CA MET C 30 -47.28 -27.98 -5.27
C MET C 30 -47.86 -27.84 -6.67
N LEU C 31 -47.36 -26.89 -7.45
CA LEU C 31 -47.82 -26.70 -8.82
C LEU C 31 -46.66 -26.31 -9.72
N ASN C 43 -54.21 -25.35 -9.21
CA ASN C 43 -55.00 -24.16 -9.44
C ASN C 43 -55.35 -23.47 -8.13
N GLU C 44 -55.39 -24.26 -7.05
CA GLU C 44 -55.71 -23.74 -5.73
C GLU C 44 -54.91 -24.50 -4.70
N VAL C 45 -54.61 -23.82 -3.60
CA VAL C 45 -53.93 -24.43 -2.45
C VAL C 45 -54.57 -23.91 -1.18
N ASN C 46 -54.84 -24.81 -0.24
CA ASN C 46 -55.32 -24.44 1.08
C ASN C 46 -54.23 -24.74 2.10
N PHE C 47 -53.88 -23.74 2.89
CA PHE C 47 -52.80 -23.82 3.87
C PHE C 47 -53.47 -23.93 5.23
N ARG C 48 -53.63 -25.16 5.71
CA ARG C 48 -54.41 -25.44 6.90
C ARG C 48 -53.77 -24.87 8.16
N GLU C 49 -52.61 -24.24 8.03
CA GLU C 49 -51.88 -23.68 9.16
C GLU C 49 -51.67 -22.17 9.06
N ILE C 50 -51.62 -21.61 7.86
CA ILE C 50 -51.35 -20.19 7.69
C ILE C 50 -52.61 -19.39 8.04
N PRO C 51 -52.54 -18.46 8.98
CA PRO C 51 -53.69 -17.60 9.26
C PRO C 51 -53.88 -16.55 8.18
N SER C 52 -55.04 -15.90 8.24
CA SER C 52 -55.43 -14.94 7.19
C SER C 52 -54.41 -13.83 7.07
N HIS C 53 -54.06 -13.19 8.19
CA HIS C 53 -53.18 -12.03 8.13
C HIS C 53 -51.81 -12.40 7.56
N VAL C 54 -51.25 -13.53 7.98
CA VAL C 54 -49.96 -13.95 7.46
C VAL C 54 -50.05 -14.19 5.95
N LEU C 55 -51.12 -14.85 5.51
CA LEU C 55 -51.26 -15.14 4.09
C LEU C 55 -51.38 -13.85 3.27
N SER C 56 -52.15 -12.89 3.77
CA SER C 56 -52.26 -11.60 3.08
C SER C 56 -50.91 -10.90 3.02
N LYS C 57 -50.16 -10.91 4.12
CA LYS C 57 -48.85 -10.29 4.12
C LYS C 57 -47.93 -10.99 3.13
N VAL C 58 -48.06 -12.31 3.00
CA VAL C 58 -47.23 -13.05 2.05
C VAL C 58 -47.59 -12.68 0.62
N CYS C 59 -48.89 -12.49 0.35
CA CYS C 59 -49.28 -12.01 -0.98
C CYS C 59 -48.66 -10.64 -1.25
N MET C 60 -48.71 -9.75 -0.27
CA MET C 60 -48.06 -8.46 -0.42
C MET C 60 -46.57 -8.63 -0.70
N TYR C 61 -45.92 -9.55 0.00
CA TYR C 61 -44.49 -9.77 -0.21
C TYR C 61 -44.21 -10.27 -1.62
N PHE C 62 -45.07 -11.16 -2.13
CA PHE C 62 -44.88 -11.63 -3.50
C PHE C 62 -44.98 -10.47 -4.48
N THR C 63 -46.01 -9.64 -4.31
CA THR C 63 -46.17 -8.51 -5.24
C THR C 63 -44.97 -7.56 -5.14
N TYR C 64 -44.51 -7.31 -3.92
CA TYR C 64 -43.38 -6.41 -3.70
C TYR C 64 -42.09 -6.97 -4.29
N LYS C 65 -41.87 -8.27 -4.11
CA LYS C 65 -40.71 -8.93 -4.70
C LYS C 65 -40.74 -8.80 -6.21
N VAL C 66 -41.91 -9.02 -6.82
CA VAL C 66 -42.03 -8.88 -8.27
C VAL C 66 -41.73 -7.45 -8.68
N ARG C 67 -42.35 -6.48 -8.02
CA ARG C 67 -42.24 -5.08 -8.42
C ARG C 67 -40.83 -4.54 -8.26
N TYR C 68 -40.03 -5.11 -7.35
CA TYR C 68 -38.66 -4.65 -7.13
C TYR C 68 -37.63 -5.75 -7.36
N THR C 69 -37.99 -6.80 -8.10
CA THR C 69 -37.01 -7.81 -8.46
C THR C 69 -35.87 -7.17 -9.23
N ASN C 70 -34.65 -7.42 -8.78
CA ASN C 70 -33.46 -6.81 -9.37
C ASN C 70 -33.68 -5.33 -9.63
N SER C 71 -34.25 -4.66 -8.64
CA SER C 71 -34.60 -3.24 -8.76
C SER C 71 -33.37 -2.41 -9.14
N ILE C 75 -34.20 -0.24 -3.16
CA ILE C 75 -35.42 -0.98 -2.84
C ILE C 75 -36.03 -0.41 -1.56
N PRO C 76 -37.33 -0.08 -1.59
CA PRO C 76 -37.97 0.41 -0.36
C PRO C 76 -38.19 -0.69 0.66
N PHE C 78 -39.47 -3.41 3.26
CA PHE C 78 -40.77 -4.03 3.44
C PHE C 78 -41.20 -3.94 4.90
N PRO C 79 -42.38 -3.38 5.17
CA PRO C 79 -42.81 -3.20 6.55
C PRO C 79 -43.14 -4.54 7.21
N ILE C 80 -42.91 -4.58 8.52
CA ILE C 80 -43.26 -5.74 9.33
C ILE C 80 -43.66 -5.26 10.72
N ALA C 81 -44.62 -5.95 11.32
CA ALA C 81 -45.03 -5.66 12.68
C ALA C 81 -44.51 -6.73 13.63
N PRO C 82 -44.05 -6.36 14.83
CA PRO C 82 -43.52 -7.39 15.73
C PRO C 82 -44.51 -8.50 16.05
N GLU C 83 -45.80 -8.18 16.11
CA GLU C 83 -46.79 -9.18 16.46
C GLU C 83 -46.79 -10.32 15.45
N ILE C 84 -46.67 -9.99 14.16
CA ILE C 84 -46.72 -11.00 13.11
C ILE C 84 -45.35 -11.55 12.75
N ALA C 85 -44.28 -11.07 13.40
CA ALA C 85 -42.94 -11.37 12.93
C ALA C 85 -42.61 -12.86 13.05
N LEU C 86 -42.89 -13.45 14.21
CA LEU C 86 -42.56 -14.86 14.41
C LEU C 86 -43.35 -15.74 13.45
N GLU C 87 -44.65 -15.45 13.29
CA GLU C 87 -45.46 -16.20 12.35
C GLU C 87 -44.91 -16.05 10.94
N LEU C 88 -44.47 -14.84 10.58
CA LEU C 88 -43.91 -14.63 9.25
C LEU C 88 -42.66 -15.47 9.05
N LEU C 89 -41.79 -15.51 10.06
CA LEU C 89 -40.57 -16.31 9.94
C LEU C 89 -40.91 -17.78 9.74
N MET C 90 -41.81 -18.31 10.57
CA MET C 90 -42.17 -19.72 10.43
C MET C 90 -42.83 -19.99 9.08
N ALA C 91 -43.70 -19.09 8.63
CA ALA C 91 -44.38 -19.29 7.36
C ALA C 91 -43.41 -19.22 6.20
N ALA C 92 -42.43 -18.31 6.25
CA ALA C 92 -41.42 -18.25 5.21
C ALA C 92 -40.60 -19.52 5.18
N ASN C 93 -40.23 -20.03 6.36
CA ASN C 93 -39.55 -21.32 6.41
C ASN C 93 -40.39 -22.40 5.74
N PHE C 94 -41.72 -22.33 5.93
CA PHE C 94 -42.61 -23.31 5.32
C PHE C 94 -42.68 -23.15 3.80
N LEU C 95 -42.77 -21.93 3.31
CA LEU C 95 -43.08 -21.65 1.92
C LEU C 95 -41.85 -21.41 1.06
N ASP C 96 -40.65 -21.45 1.62
CA ASP C 96 -39.43 -21.14 0.88
C ASP C 96 -39.51 -19.73 0.29
N ASP D 2 -47.59 3.55 -11.40
CA ASP D 2 -48.31 2.33 -11.05
C ASP D 2 -49.26 2.59 -9.89
N VAL D 3 -50.19 1.66 -9.67
CA VAL D 3 -51.03 1.68 -8.48
C VAL D 3 -51.40 0.25 -8.12
N PHE D 4 -50.97 -0.23 -6.95
CA PHE D 4 -51.20 -1.65 -6.53
C PHE D 4 -52.44 -1.66 -5.67
N LEU D 5 -53.43 -2.52 -6.00
CA LEU D 5 -54.73 -2.45 -5.28
C LEU D 5 -55.18 -3.78 -4.67
N MET D 6 -55.99 -3.73 -3.61
CA MET D 6 -56.61 -4.87 -2.99
C MET D 6 -58.12 -4.74 -3.10
N ILE D 7 -58.79 -5.89 -3.23
CA ILE D 7 -60.24 -5.95 -3.30
C ILE D 7 -60.71 -7.07 -2.38
N ARG D 8 -61.82 -6.84 -1.70
CA ARG D 8 -62.29 -7.80 -0.70
C ARG D 8 -63.80 -7.96 -0.78
N ARG D 9 -64.26 -9.15 -0.39
CA ARG D 9 -65.68 -9.43 -0.24
C ARG D 9 -65.84 -10.71 0.57
N HIS D 10 -66.58 -10.65 1.67
CA HIS D 10 -66.65 -11.78 2.60
C HIS D 10 -65.24 -12.22 2.98
N LYS D 11 -65.00 -13.53 3.05
CA LYS D 11 -63.69 -14.08 3.37
C LYS D 11 -62.73 -14.03 2.18
N THR D 12 -63.12 -13.42 1.08
CA THR D 12 -62.41 -13.53 -0.18
C THR D 12 -61.64 -12.25 -0.48
N THR D 13 -60.45 -12.41 -1.07
CA THR D 13 -59.54 -11.29 -1.30
C THR D 13 -58.89 -11.45 -2.66
N ILE D 14 -58.50 -10.31 -3.24
CA ILE D 14 -57.76 -10.27 -4.50
C ILE D 14 -56.70 -9.19 -4.40
N ASP D 17 -53.09 -4.81 -9.59
CA ASP D 17 -52.58 -3.46 -9.73
C ASP D 17 -52.90 -2.89 -11.11
N ALA D 18 -52.84 -1.58 -11.24
CA ALA D 18 -53.09 -0.92 -12.51
C ALA D 18 -52.26 0.36 -12.54
N LYS D 19 -52.59 1.26 -13.46
CA LYS D 19 -52.04 2.59 -13.47
C LYS D 19 -53.02 3.57 -12.82
N GLU D 20 -52.47 4.55 -12.10
CA GLU D 20 -53.34 5.57 -11.52
C GLU D 20 -54.18 6.25 -12.59
N SER D 21 -53.63 6.38 -13.81
CA SER D 21 -54.39 6.90 -14.93
C SER D 21 -55.52 5.97 -15.36
N SER D 22 -55.42 4.68 -15.04
CA SER D 22 -56.47 3.74 -15.41
C SER D 22 -57.76 4.08 -14.67
N THR D 23 -58.86 3.50 -15.13
CA THR D 23 -60.17 3.76 -14.57
C THR D 23 -60.74 2.51 -13.91
N VAL D 24 -61.70 2.74 -13.02
CA VAL D 24 -62.29 1.67 -12.23
C VAL D 24 -63.03 0.66 -13.11
N PHE D 25 -63.43 1.05 -14.32
CA PHE D 25 -64.16 0.11 -15.16
C PHE D 25 -63.26 -1.02 -15.64
N GLU D 26 -62.02 -0.71 -16.02
CA GLU D 26 -61.09 -1.76 -16.40
C GLU D 26 -60.72 -2.63 -15.21
N LEU D 27 -60.70 -2.04 -14.01
CA LEU D 27 -60.53 -2.85 -12.81
C LEU D 27 -61.71 -3.79 -12.62
N LYS D 28 -62.93 -3.30 -12.88
CA LYS D 28 -64.10 -4.17 -12.86
C LYS D 28 -63.97 -5.29 -13.89
N ARG D 29 -63.41 -4.98 -15.05
CA ARG D 29 -63.18 -6.00 -16.06
C ARG D 29 -62.20 -7.06 -15.57
N ILE D 30 -61.15 -6.61 -14.87
CA ILE D 30 -60.23 -7.56 -14.25
C ILE D 30 -60.98 -8.44 -13.26
N VAL D 31 -61.84 -7.83 -12.45
CA VAL D 31 -62.63 -8.59 -11.50
C VAL D 31 -63.52 -9.60 -12.22
N GLU D 32 -64.10 -9.18 -13.34
CA GLU D 32 -64.92 -10.08 -14.14
C GLU D 32 -64.11 -11.28 -14.63
N GLY D 33 -62.93 -11.01 -15.19
CA GLY D 33 -62.09 -12.09 -15.65
C GLY D 33 -61.72 -13.04 -14.54
N ILE D 34 -61.48 -12.50 -13.34
CA ILE D 34 -61.06 -13.34 -12.22
C ILE D 34 -62.23 -14.17 -11.70
N LEU D 35 -63.37 -13.53 -11.45
CA LEU D 35 -64.50 -14.15 -10.79
C LEU D 35 -65.70 -14.39 -11.70
N LYS D 36 -65.71 -13.82 -12.90
CA LYS D 36 -66.75 -14.06 -13.89
C LYS D 36 -68.08 -13.39 -13.55
N ARG D 37 -68.05 -12.29 -12.80
CA ARG D 37 -69.23 -11.44 -12.63
C ARG D 37 -69.02 -10.17 -13.44
N PRO D 38 -69.61 -10.04 -14.62
CA PRO D 38 -69.35 -8.89 -15.49
C PRO D 38 -69.45 -7.57 -14.72
N PRO D 39 -68.76 -6.53 -15.21
CA PRO D 39 -68.74 -5.25 -14.45
C PRO D 39 -70.12 -4.72 -14.11
N ASP D 40 -71.09 -4.84 -15.01
CA ASP D 40 -72.41 -4.31 -14.73
C ASP D 40 -73.04 -4.95 -13.50
N GLU D 41 -72.62 -6.17 -13.15
CA GLU D 41 -73.05 -6.82 -11.92
C GLU D 41 -71.96 -6.79 -10.86
N GLN D 42 -70.98 -5.91 -11.00
CA GLN D 42 -70.04 -5.58 -9.94
C GLN D 42 -70.25 -4.14 -9.50
N ARG D 43 -70.08 -3.91 -8.20
CA ARG D 43 -69.98 -2.55 -7.69
C ARG D 43 -68.88 -2.51 -6.64
N LEU D 44 -68.08 -1.45 -6.69
CA LEU D 44 -66.86 -1.36 -5.91
C LEU D 44 -66.90 -0.12 -5.01
N TYR D 45 -66.19 -0.22 -3.88
CA TYR D 45 -66.21 0.81 -2.85
C TYR D 45 -64.78 1.20 -2.51
N LYS D 46 -64.44 2.46 -2.74
CA LYS D 46 -63.18 3.03 -2.26
C LYS D 46 -63.42 3.62 -0.88
N ASP D 47 -62.41 3.50 -0.02
CA ASP D 47 -62.63 3.75 1.40
C ASP D 47 -63.95 3.10 1.80
N ASP D 48 -64.80 3.81 2.52
CA ASP D 48 -66.19 3.40 2.69
C ASP D 48 -67.06 4.26 1.78
N GLN D 49 -66.83 4.15 0.47
CA GLN D 49 -67.51 4.96 -0.52
C GLN D 49 -67.68 4.15 -1.79
N LEU D 50 -68.92 4.03 -2.25
CA LEU D 50 -69.24 3.22 -3.43
C LEU D 50 -68.78 3.92 -4.70
N LEU D 51 -67.60 3.55 -5.20
CA LEU D 51 -67.01 4.17 -6.39
C LEU D 51 -68.05 4.43 -7.47
N GLY D 54 -66.25 4.81 -13.86
CA GLY D 54 -65.57 5.57 -14.88
C GLY D 54 -64.43 6.42 -14.34
N LYS D 55 -64.37 6.55 -13.02
CA LYS D 55 -63.34 7.37 -12.40
C LYS D 55 -61.95 6.78 -12.63
N THR D 56 -61.01 7.61 -13.03
CA THR D 56 -59.63 7.16 -13.12
C THR D 56 -59.07 6.93 -11.72
N LEU D 57 -58.28 5.87 -11.58
CA LEU D 57 -57.82 5.47 -10.25
C LEU D 57 -57.12 6.63 -9.54
N GLY D 58 -56.49 7.52 -10.30
CA GLY D 58 -55.93 8.71 -9.69
C GLY D 58 -56.98 9.56 -8.99
N GLU D 59 -58.13 9.76 -9.64
CA GLU D 59 -59.19 10.56 -9.05
C GLU D 59 -60.08 9.75 -8.12
N CYS D 60 -59.85 8.45 -8.00
CA CYS D 60 -60.44 7.65 -6.94
C CYS D 60 -59.65 7.74 -5.65
N GLY D 61 -58.56 8.50 -5.64
CA GLY D 61 -57.68 8.60 -4.49
C GLY D 61 -56.58 7.56 -4.44
N PHE D 62 -56.59 6.60 -5.35
CA PHE D 62 -55.55 5.57 -5.39
C PHE D 62 -54.26 6.17 -5.95
N THR D 63 -53.22 6.21 -5.12
CA THR D 63 -51.92 6.74 -5.52
C THR D 63 -50.84 5.73 -5.14
N SER D 64 -49.77 5.71 -5.93
CA SER D 64 -48.70 4.73 -5.71
C SER D 64 -48.12 4.87 -4.31
N GLN D 65 -47.90 6.10 -3.86
CA GLN D 65 -47.46 6.30 -2.48
C GLN D 65 -48.48 5.78 -1.50
N THR D 66 -49.76 5.82 -1.86
CA THR D 66 -50.82 5.20 -1.08
C THR D 66 -51.08 3.76 -1.49
N ALA D 67 -50.49 3.29 -2.59
CA ALA D 67 -50.81 2.01 -3.19
C ALA D 67 -49.54 1.27 -3.59
N ARG D 68 -48.58 1.19 -2.67
CA ARG D 68 -47.36 0.44 -2.95
C ARG D 68 -47.65 -1.05 -2.82
N PRO D 69 -46.84 -1.89 -3.48
CA PRO D 69 -47.08 -3.34 -3.36
C PRO D 69 -47.02 -3.82 -1.92
N GLN D 70 -46.11 -3.27 -1.12
CA GLN D 70 -46.02 -3.62 0.28
C GLN D 70 -47.01 -2.85 1.14
N ALA D 71 -47.78 -1.94 0.56
CA ALA D 71 -48.85 -1.26 1.25
C ALA D 71 -49.93 -0.87 0.25
N PRO D 72 -50.55 -1.85 -0.40
CA PRO D 72 -51.48 -1.53 -1.50
C PRO D 72 -52.79 -0.95 -0.98
N ALA D 73 -53.52 -0.32 -1.90
CA ALA D 73 -54.85 0.17 -1.61
C ALA D 73 -55.83 -1.00 -1.54
N THR D 74 -57.02 -0.73 -1.01
CA THR D 74 -58.04 -1.74 -0.80
C THR D 74 -59.38 -1.24 -1.31
N VAL D 75 -60.24 -2.18 -1.71
CA VAL D 75 -61.54 -1.87 -2.26
C VAL D 75 -62.54 -2.94 -1.82
N GLY D 76 -63.77 -2.52 -1.54
CA GLY D 76 -64.84 -3.46 -1.29
C GLY D 76 -65.61 -3.80 -2.55
N LEU D 77 -66.26 -4.97 -2.56
CA LEU D 77 -66.91 -5.47 -3.76
C LEU D 77 -68.28 -6.05 -3.41
N ALA D 78 -69.22 -5.89 -4.34
CA ALA D 78 -70.55 -6.49 -4.21
C ALA D 78 -71.07 -6.83 -5.60
N PHE D 79 -72.04 -7.75 -5.65
CA PHE D 79 -72.61 -8.25 -6.88
C PHE D 79 -74.12 -8.09 -6.89
N ARG D 80 -74.69 -8.02 -8.09
CA ARG D 80 -76.13 -7.90 -8.24
C ARG D 80 -76.81 -9.22 -7.95
N ALA D 81 -77.20 -9.43 -6.70
CA ALA D 81 -77.88 -10.66 -6.30
C ALA D 81 -79.39 -10.52 -6.49
N THR D 84 -80.05 -7.15 -7.43
CA THR D 84 -79.80 -6.24 -6.33
C THR D 84 -78.37 -6.41 -5.80
N PHE D 85 -77.62 -5.32 -5.79
CA PHE D 85 -76.30 -5.33 -5.17
C PHE D 85 -76.44 -5.48 -3.66
N GLU D 86 -75.83 -6.51 -3.10
CA GLU D 86 -75.93 -6.73 -1.67
C GLU D 86 -75.13 -5.69 -0.90
N ALA D 87 -75.53 -5.46 0.34
CA ALA D 87 -74.74 -4.60 1.21
C ALA D 87 -73.34 -5.16 1.35
N LEU D 88 -72.34 -4.29 1.21
CA LEU D 88 -70.95 -4.73 1.20
C LEU D 88 -70.65 -5.55 2.44
N CYS D 89 -70.34 -6.82 2.24
CA CYS D 89 -69.95 -7.73 3.32
C CYS D 89 -68.49 -8.11 3.13
N ILE D 90 -67.64 -7.67 4.06
CA ILE D 90 -66.23 -8.02 4.09
C ILE D 90 -65.91 -8.53 5.49
N GLU D 91 -65.28 -9.70 5.56
CA GLU D 91 -65.02 -10.34 6.84
C GLU D 91 -63.58 -10.11 7.25
N PRO D 92 -63.31 -9.36 8.32
CA PRO D 92 -61.94 -8.94 8.61
C PRO D 92 -61.00 -10.12 8.83
N PHE D 93 -59.73 -9.89 8.49
CA PHE D 93 -58.69 -10.89 8.70
C PHE D 93 -58.51 -11.18 10.18
N SER D 94 -58.12 -12.41 10.49
CA SER D 94 -57.86 -12.79 11.86
C SER D 94 -56.69 -11.98 12.43
N SER D 95 -56.82 -11.60 13.70
CA SER D 95 -55.75 -10.85 14.35
C SER D 95 -54.63 -11.79 14.79
N PRO D 96 -53.40 -11.29 14.86
CA PRO D 96 -52.30 -12.10 15.36
C PRO D 96 -52.41 -12.30 16.85
N PRO D 97 -51.79 -13.35 17.40
CA PRO D 97 -51.90 -13.61 18.84
C PRO D 97 -51.14 -12.59 19.67
N GLU D 98 -51.15 -12.78 20.99
CA GLU D 98 -50.42 -11.89 21.89
C GLU D 98 -48.93 -11.93 21.57
N LEU D 99 -48.30 -10.75 21.61
CA LEU D 99 -46.86 -10.68 21.41
C LEU D 99 -46.15 -11.22 22.64
N PRO D 100 -45.16 -12.10 22.49
CA PRO D 100 -44.39 -12.53 23.66
C PRO D 100 -43.73 -11.35 24.35
N ASP D 101 -43.65 -11.44 25.68
CA ASP D 101 -43.10 -10.34 26.46
C ASP D 101 -41.67 -10.01 26.05
N VAL D 102 -40.87 -11.03 25.78
CA VAL D 102 -39.47 -10.79 25.41
C VAL D 102 -39.39 -9.91 24.18
N MET D 103 -40.35 -10.05 23.26
CA MET D 103 -40.37 -9.23 22.05
C MET D 103 -41.00 -7.87 22.27
N LYS D 104 -41.61 -7.62 23.42
CA LYS D 104 -42.25 -6.35 23.66
C LYS D 104 -41.21 -5.24 23.74
N PRO D 105 -41.61 -3.99 23.41
CA PRO D 105 -40.68 -2.85 23.49
C PRO D 105 -40.10 -2.67 24.88
C13 A1CBB E . -3.33 2.68 0.77
C14 A1CBB E . -3.52 3.74 1.64
C12 A1CBB E . -2.05 2.23 0.45
C11 A1CBB E . -0.95 2.86 1.02
C10 A1CBB E . -1.15 3.92 1.90
C9 A1CBB E . -2.41 4.37 2.19
C6 A1CBB E . -2.60 5.49 3.11
N7 A1CBB E . -1.59 6.16 3.69
C8 A1CBB E . -2.18 7.07 4.41
N5 A1CBB E . -3.79 5.97 3.44
N4 A1CBB E . -3.51 6.98 4.26
C3 A1CBB E . -4.57 7.76 4.87
C2 A1CBB E . -4.93 8.99 4.04
C1 A1CBB E . -3.78 9.55 3.24
O A1CBB E . -3.61 9.35 2.06
O1' A1CBB E . -2.99 10.29 4.01
C2' A1CBB E . -2.50 11.57 3.55
C4' A1CBB E . -3.67 12.48 3.25
C3' A1CBB E . -1.60 11.34 2.35
H1 A1CBB E . -4.38 4.05 1.85
H2 A1CBB E . -1.94 1.51 -0.12
H6 A1CBB E . -0.40 4.35 2.27
H7 A1CBB E . -1.78 7.71 4.96
H9 A1CBB E . -5.33 7.18 5.00
H11 A1CBB E . -5.66 8.79 3.45
H10 A1CBB E . -5.25 9.70 4.63
H12 A1CBB E . -1.95 11.96 4.26
H15 A1CBB E . -4.11 12.24 2.42
H13 A1CBB E . -3.40 13.41 3.21
H14 A1CBB E . -4.32 12.39 3.96
H17 A1CBB E . -2.13 11.46 1.54
H18 A1CBB E . -1.24 10.45 2.34
H16 A1CBB E . -0.88 11.98 2.32
#